data_7R6T
#
_entry.id   7R6T
#
_cell.length_a   73.252
_cell.length_b   100.056
_cell.length_c   174.902
_cell.angle_alpha   90.000
_cell.angle_beta   90.000
_cell.angle_gamma   90.000
#
_symmetry.space_group_name_H-M   'P 21 2 21'
#
loop_
_entity.id
_entity.type
_entity.pdbx_description
1 polymer 'Nuclease EXOG, mitochondrial'
2 polymer "DNA (5'-D(3DR)P*CP*TP*GP*AP*CP*GP*TP*GP*C)-3')"
3 polymer "DNA (5'-D(*CP*GP*CP*AP*CP*GP*TP*CP*AP*GP*A)-3')"
4 non-polymer 'MAGNESIUM ION'
5 non-polymer 'SODIUM ION'
6 water water
#
loop_
_entity_poly.entity_id
_entity_poly.type
_entity_poly.pdbx_seq_one_letter_code
_entity_poly.pdbx_strand_id
1 'polypeptide(L)'
;EKAVLEQFGFPLTGTEARCYTNHALSYDQAKRVPRWVLEHISKSKIMGDADRKHCKFKPDPNIPPTFSAFNEDYVGSGWS
RGAMAPAGNNKFSSKAMAETFYLSNIVPQDFDNNSGYWNRIEMYCRELTERFEDVWVVSGPLTLPQTRGDGKKIVSYQVI
GEDNVAVPSHLYKVILARRSSVSTEPLALGAFVVPNEAIGFQPQLTEFQVSLQDLEKLSGLVFFPHLDRTSDIRNICSVD
TCKLLDFQEFTLYLSTRKIEGARSVLRLEKIMENLKNAEIEPDDYFMSRYEKKLEELKAKEQSGTQIRKPS
;
D,C,L
2 'polydeoxyribonucleotide' (3DR)(DC)(DT)(DG)(DA)(DC)(DG)(DT)(DG)(DC) F,E,M
3 'polydeoxyribonucleotide' (DC)(DG)(DC)(DA)(DC)(DG)(DT)(DC)(DA)(DG)(DA) A,B,K
#
loop_
_chem_comp.id
_chem_comp.type
_chem_comp.name
_chem_comp.formula
3DR DNA linking 1',2'-DIDEOXYRIBOFURANOSE-5'-PHOSPHATE 'C5 H11 O6 P'
DA DNA linking 2'-DEOXYADENOSINE-5'-MONOPHOSPHATE 'C10 H14 N5 O6 P'
DC DNA linking 2'-DEOXYCYTIDINE-5'-MONOPHOSPHATE 'C9 H14 N3 O7 P'
DG DNA linking 2'-DEOXYGUANOSINE-5'-MONOPHOSPHATE 'C10 H14 N5 O7 P'
DT DNA linking THYMIDINE-5'-MONOPHOSPHATE 'C10 H15 N2 O8 P'
MG non-polymer 'MAGNESIUM ION' 'Mg 2'
NA non-polymer 'SODIUM ION' 'Na 1'
#
# COMPACT_ATOMS: atom_id res chain seq x y z
N LEU A 5 -20.19 9.51 -3.81
CA LEU A 5 -19.49 9.68 -2.55
C LEU A 5 -18.05 10.15 -2.77
N GLU A 6 -17.11 9.24 -2.57
CA GLU A 6 -15.67 9.49 -2.75
C GLU A 6 -15.13 8.32 -3.55
N GLN A 7 -15.13 8.47 -4.88
CA GLN A 7 -14.91 7.35 -5.79
C GLN A 7 -13.44 7.07 -6.06
N PHE A 8 -12.56 8.05 -5.84
CA PHE A 8 -11.15 7.82 -6.11
C PHE A 8 -10.48 6.94 -5.06
N GLY A 9 -11.21 6.50 -4.05
CA GLY A 9 -10.66 5.57 -3.08
C GLY A 9 -10.13 6.25 -1.84
N PHE A 10 -10.26 5.59 -0.70
CA PHE A 10 -9.66 6.08 0.51
C PHE A 10 -8.14 5.92 0.42
N PRO A 11 -7.38 6.73 1.16
CA PRO A 11 -5.92 6.52 1.20
C PRO A 11 -5.60 5.16 1.81
N LEU A 12 -4.70 4.44 1.14
CA LEU A 12 -4.28 3.12 1.60
C LEU A 12 -3.31 3.27 2.78
N THR A 13 -3.71 2.79 3.95
CA THR A 13 -2.81 2.79 5.11
C THR A 13 -1.79 1.68 5.03
N GLY A 14 -2.13 0.55 4.39
CA GLY A 14 -1.20 -0.53 4.22
C GLY A 14 -1.04 -1.44 5.42
N THR A 15 -2.00 -1.42 6.36
CA THR A 15 -1.94 -2.22 7.57
C THR A 15 -2.70 -3.54 7.43
N GLU A 16 -2.77 -4.09 6.22
CA GLU A 16 -3.42 -5.36 6.00
C GLU A 16 -2.60 -6.49 6.64
N ALA A 17 -3.29 -7.37 7.36
CA ALA A 17 -2.63 -8.52 7.96
C ALA A 17 -2.17 -9.49 6.87
N ARG A 18 -0.88 -9.82 6.87
CA ARG A 18 -0.29 -10.71 5.87
C ARG A 18 0.19 -11.98 6.56
N CYS A 19 -0.37 -13.12 6.16
CA CYS A 19 -0.04 -14.40 6.74
C CYS A 19 1.05 -15.11 5.94
N TYR A 20 1.91 -15.84 6.63
CA TYR A 20 2.96 -16.61 5.97
C TYR A 20 2.86 -18.09 6.35
N THR A 21 3.97 -18.81 6.23
CA THR A 21 3.93 -20.24 6.53
C THR A 21 3.69 -20.50 8.00
N ASN A 22 4.22 -19.65 8.88
CA ASN A 22 4.07 -19.86 10.30
C ASN A 22 3.89 -18.58 11.11
N HIS A 23 3.90 -17.42 10.48
CA HIS A 23 3.72 -16.16 11.21
C HIS A 23 2.92 -15.19 10.37
N ALA A 24 2.27 -14.25 11.06
CA ALA A 24 1.52 -13.18 10.41
C ALA A 24 2.01 -11.85 10.96
N LEU A 25 1.94 -10.81 10.12
CA LEU A 25 2.43 -9.51 10.52
C LEU A 25 1.56 -8.41 9.90
N SER A 26 1.65 -7.23 10.48
CA SER A 26 1.07 -6.01 9.94
C SER A 26 2.19 -5.00 9.79
N TYR A 27 2.35 -4.48 8.57
CA TYR A 27 3.50 -3.64 8.25
C TYR A 27 3.21 -2.17 8.55
N ASP A 28 4.24 -1.46 9.00
CA ASP A 28 4.19 -0.01 9.18
C ASP A 28 4.94 0.62 8.01
N GLN A 29 4.21 1.00 6.96
CA GLN A 29 4.84 1.51 5.75
C GLN A 29 5.56 2.83 5.99
N ALA A 30 5.19 3.58 7.02
CA ALA A 30 5.85 4.86 7.29
C ALA A 30 7.18 4.67 8.01
N LYS A 31 7.33 3.61 8.81
CA LYS A 31 8.57 3.37 9.56
C LYS A 31 9.40 2.23 9.00
N ARG A 32 8.92 1.54 7.97
CA ARG A 32 9.61 0.42 7.33
C ARG A 32 9.83 -0.75 8.29
N VAL A 33 9.02 -0.83 9.34
CA VAL A 33 9.12 -1.89 10.34
C VAL A 33 7.74 -2.52 10.52
N PRO A 34 7.67 -3.71 11.10
CA PRO A 34 6.35 -4.28 11.41
C PRO A 34 5.68 -3.55 12.55
N ARG A 35 4.35 -3.54 12.54
CA ARG A 35 3.62 -3.05 13.70
C ARG A 35 3.53 -4.13 14.77
N TRP A 36 3.22 -5.36 14.36
CA TRP A 36 3.15 -6.51 15.25
C TRP A 36 3.41 -7.77 14.44
N VAL A 37 3.99 -8.77 15.11
CA VAL A 37 4.23 -10.07 14.49
C VAL A 37 3.67 -11.15 15.40
N LEU A 38 2.80 -11.99 14.87
CA LEU A 38 2.17 -13.06 15.62
C LEU A 38 2.61 -14.40 15.07
N GLU A 39 2.90 -15.33 15.98
CA GLU A 39 3.33 -16.68 15.60
C GLU A 39 2.79 -17.67 16.62
N HIS A 40 2.74 -18.94 16.21
CA HIS A 40 2.32 -20.03 17.06
C HIS A 40 3.42 -21.08 17.10
N ILE A 41 3.89 -21.41 18.30
CA ILE A 41 4.95 -22.40 18.49
C ILE A 41 4.42 -23.55 19.33
N SER A 42 4.85 -24.76 18.99
CA SER A 42 4.46 -25.96 19.72
C SER A 42 5.68 -26.86 19.83
N LYS A 43 5.47 -28.03 20.44
CA LYS A 43 6.56 -28.99 20.58
C LYS A 43 7.07 -29.48 19.24
N SER A 44 6.21 -29.48 18.23
CA SER A 44 6.57 -29.95 16.89
C SER A 44 7.27 -28.89 16.06
N LYS A 45 6.99 -27.61 16.31
CA LYS A 45 7.56 -26.54 15.50
C LYS A 45 9.06 -26.39 15.73
N ILE A 46 9.50 -26.38 16.98
CA ILE A 46 10.90 -26.16 17.28
C ILE A 46 11.80 -27.33 16.92
N MET A 47 11.25 -28.46 16.47
CA MET A 47 12.06 -29.61 16.10
C MET A 47 12.18 -29.71 14.59
N GLY A 48 13.40 -29.86 14.11
CA GLY A 48 13.62 -29.94 12.67
C GLY A 48 15.10 -29.79 12.34
N ASP A 49 15.42 -30.08 11.09
CA ASP A 49 16.79 -30.02 10.59
C ASP A 49 17.03 -28.82 9.69
N ALA A 50 16.08 -27.90 9.60
CA ALA A 50 16.24 -26.69 8.79
C ALA A 50 17.27 -25.77 9.45
N ASP A 51 18.31 -25.43 8.71
CA ASP A 51 19.41 -24.61 9.22
C ASP A 51 19.31 -23.20 8.66
N ARG A 52 19.67 -22.21 9.48
CA ARG A 52 19.60 -20.81 9.08
C ARG A 52 20.83 -20.36 8.31
N LYS A 53 21.85 -21.21 8.16
CA LYS A 53 23.03 -20.83 7.40
C LYS A 53 22.74 -20.75 5.91
N HIS A 54 21.67 -21.37 5.44
CA HIS A 54 21.27 -21.30 4.04
C HIS A 54 20.42 -20.07 3.72
N CYS A 55 19.80 -19.48 4.72
CA CYS A 55 18.90 -18.35 4.54
C CYS A 55 19.61 -17.04 4.84
N LYS A 56 19.30 -16.01 4.06
CA LYS A 56 19.83 -14.68 4.30
C LYS A 56 18.72 -13.65 4.08
N PHE A 57 18.93 -12.47 4.64
CA PHE A 57 17.93 -11.41 4.59
C PHE A 57 17.69 -10.95 3.16
N LYS A 58 16.42 -10.68 2.85
CA LYS A 58 16.04 -10.13 1.55
C LYS A 58 14.69 -9.45 1.69
N PRO A 59 14.44 -8.39 0.93
CA PRO A 59 13.16 -7.68 1.05
C PRO A 59 11.98 -8.57 0.70
N ASP A 60 10.84 -8.25 1.27
CA ASP A 60 9.63 -9.04 1.05
C ASP A 60 9.10 -8.78 -0.36
N PRO A 61 8.93 -9.81 -1.18
CA PRO A 61 8.40 -9.59 -2.53
C PRO A 61 6.99 -9.04 -2.55
N ASN A 62 6.20 -9.29 -1.50
CA ASN A 62 4.83 -8.81 -1.45
C ASN A 62 4.73 -7.36 -0.97
N ILE A 63 5.76 -6.85 -0.30
CA ILE A 63 5.77 -5.44 0.12
C ILE A 63 6.16 -4.58 -1.09
N PRO A 64 5.40 -3.53 -1.39
CA PRO A 64 5.77 -2.67 -2.53
C PRO A 64 7.11 -2.01 -2.29
N PRO A 65 7.99 -1.99 -3.30
CA PRO A 65 9.36 -1.50 -3.09
C PRO A 65 9.44 -0.06 -2.62
N THR A 66 8.35 0.70 -2.73
CA THR A 66 8.38 2.09 -2.27
C THR A 66 8.49 2.16 -0.76
N PHE A 67 7.86 1.22 -0.05
CA PHE A 67 7.86 1.22 1.40
C PHE A 67 8.75 0.13 2.00
N SER A 68 9.35 -0.72 1.18
CA SER A 68 10.17 -1.81 1.70
C SER A 68 11.54 -1.29 2.12
N ALA A 69 12.09 -1.88 3.18
CA ALA A 69 13.45 -1.59 3.57
C ALA A 69 14.40 -2.51 2.81
N PHE A 70 15.70 -2.21 2.93
CA PHE A 70 16.71 -2.95 2.20
C PHE A 70 17.93 -3.12 3.09
N ASN A 71 18.85 -3.99 2.64
CA ASN A 71 20.05 -4.25 3.42
C ASN A 71 20.97 -3.04 3.48
N GLU A 72 20.90 -2.15 2.49
CA GLU A 72 21.71 -0.93 2.51
C GLU A 72 21.40 -0.07 3.73
N ASP A 73 20.17 -0.16 4.25
CA ASP A 73 19.77 0.63 5.41
C ASP A 73 20.23 0.03 6.72
N TYR A 74 20.84 -1.14 6.70
CA TYR A 74 21.20 -1.86 7.92
C TYR A 74 22.69 -2.14 8.06
N VAL A 75 23.42 -2.33 6.96
CA VAL A 75 24.76 -2.91 7.02
C VAL A 75 25.68 -2.05 7.88
N GLY A 76 25.93 -0.82 7.46
CA GLY A 76 26.81 0.01 8.25
C GLY A 76 26.11 0.94 9.23
N SER A 77 24.83 0.71 9.50
CA SER A 77 24.07 1.63 10.33
C SER A 77 24.43 1.53 11.80
N GLY A 78 25.29 0.58 12.18
CA GLY A 78 25.58 0.35 13.58
C GLY A 78 24.48 -0.34 14.34
N TRP A 79 23.45 -0.82 13.66
CA TRP A 79 22.36 -1.57 14.27
C TRP A 79 22.23 -2.92 13.59
N SER A 80 21.71 -3.89 14.34
CA SER A 80 21.58 -5.24 13.86
C SER A 80 20.21 -5.45 13.22
N ARG A 81 20.11 -6.52 12.42
CA ARG A 81 18.84 -6.89 11.81
C ARG A 81 18.14 -7.88 12.74
N GLY A 82 17.24 -7.36 13.57
CA GLY A 82 16.57 -8.15 14.58
C GLY A 82 15.22 -8.65 14.13
N ALA A 83 15.08 -9.96 14.03
CA ALA A 83 13.82 -10.57 13.65
C ALA A 83 12.87 -10.60 14.83
N MET A 84 11.58 -10.39 14.55
CA MET A 84 10.55 -10.54 15.57
C MET A 84 10.07 -11.99 15.64
N ALA A 85 9.73 -12.58 14.51
CA ALA A 85 9.50 -14.02 14.46
C ALA A 85 10.84 -14.71 14.24
N PRO A 86 11.39 -15.34 15.27
CA PRO A 86 12.75 -15.87 15.19
C PRO A 86 12.84 -17.07 14.27
N ALA A 87 14.04 -17.30 13.73
CA ALA A 87 14.26 -18.46 12.89
C ALA A 87 14.28 -19.75 13.71
N GLY A 88 14.61 -19.67 15.00
CA GLY A 88 14.66 -20.84 15.84
C GLY A 88 13.30 -21.47 16.11
N ASN A 89 12.22 -20.70 15.98
CA ASN A 89 10.87 -21.22 16.16
C ASN A 89 10.31 -21.87 14.90
N ASN A 90 11.10 -21.95 13.83
CA ASN A 90 10.66 -22.50 12.54
C ASN A 90 11.65 -23.55 12.05
N LYS A 91 12.17 -24.37 12.95
CA LYS A 91 13.12 -25.40 12.57
C LYS A 91 12.47 -26.53 11.77
N PHE A 92 11.15 -26.65 11.82
CA PHE A 92 10.48 -27.75 11.16
C PHE A 92 10.34 -27.52 9.65
N SER A 93 10.19 -26.27 9.21
CA SER A 93 9.95 -25.95 7.82
C SER A 93 11.01 -24.98 7.33
N SER A 94 11.65 -25.30 6.20
CA SER A 94 12.61 -24.38 5.62
C SER A 94 11.93 -23.19 4.97
N LYS A 95 10.68 -23.37 4.53
CA LYS A 95 9.93 -22.23 3.96
C LYS A 95 9.55 -21.23 5.05
N ALA A 96 9.09 -21.72 6.19
CA ALA A 96 8.70 -20.83 7.28
C ALA A 96 9.90 -20.04 7.80
N MET A 97 11.04 -20.69 7.93
CA MET A 97 12.24 -19.99 8.39
C MET A 97 12.72 -18.98 7.36
N ALA A 98 12.63 -19.33 6.07
CA ALA A 98 13.07 -18.41 5.03
C ALA A 98 12.22 -17.15 5.00
N GLU A 99 10.91 -17.28 5.27
CA GLU A 99 10.05 -16.11 5.31
C GLU A 99 10.30 -15.23 6.53
N THR A 100 10.92 -15.77 7.58
CA THR A 100 11.25 -14.94 8.73
C THR A 100 12.44 -14.03 8.48
N PHE A 101 13.17 -14.23 7.39
CA PHE A 101 14.27 -13.37 7.00
C PHE A 101 13.85 -12.23 6.09
N TYR A 102 12.58 -12.17 5.69
CA TYR A 102 12.08 -10.99 4.98
C TYR A 102 12.19 -9.78 5.88
N LEU A 103 12.56 -8.64 5.31
CA LEU A 103 12.74 -7.45 6.11
C LEU A 103 11.44 -6.90 6.68
N SER A 104 10.30 -7.47 6.28
CA SER A 104 9.01 -7.12 6.87
C SER A 104 8.80 -7.76 8.23
N ASN A 105 9.83 -8.45 8.75
CA ASN A 105 9.85 -9.02 10.10
C ASN A 105 10.99 -8.46 10.92
N ILE A 106 11.76 -7.52 10.38
CA ILE A 106 13.00 -7.06 10.99
C ILE A 106 12.80 -5.65 11.55
N VAL A 107 13.43 -5.38 12.70
CA VAL A 107 13.49 -4.04 13.25
C VAL A 107 14.94 -3.74 13.62
N PRO A 108 15.39 -2.49 13.57
CA PRO A 108 16.76 -2.16 14.02
C PRO A 108 16.90 -2.40 15.52
N GLN A 109 17.74 -3.37 15.88
CA GLN A 109 17.92 -3.80 17.26
C GLN A 109 19.38 -3.74 17.65
N ASP A 110 19.63 -3.42 18.92
CA ASP A 110 20.98 -3.43 19.45
C ASP A 110 21.60 -4.82 19.33
N PHE A 111 22.89 -4.86 18.99
CA PHE A 111 23.57 -6.14 18.78
C PHE A 111 23.54 -7.00 20.04
N ASP A 112 24.02 -6.45 21.15
CA ASP A 112 24.07 -7.20 22.39
C ASP A 112 22.68 -7.52 22.91
N ASN A 113 21.71 -6.63 22.71
CA ASN A 113 20.33 -6.92 23.09
C ASN A 113 19.75 -8.04 22.25
N ASN A 114 20.01 -8.03 20.94
CA ASN A 114 19.48 -9.07 20.06
C ASN A 114 20.03 -10.44 20.45
N SER A 115 21.34 -10.51 20.67
CA SER A 115 21.98 -11.78 20.99
C SER A 115 21.89 -12.14 22.47
N GLY A 116 21.51 -11.19 23.32
CA GLY A 116 21.49 -11.41 24.75
C GLY A 116 20.10 -11.50 25.32
N TYR A 117 19.62 -10.41 25.94
CA TYR A 117 18.38 -10.47 26.70
C TYR A 117 17.20 -10.88 25.83
N TRP A 118 17.13 -10.34 24.60
CA TRP A 118 16.05 -10.72 23.70
C TRP A 118 16.20 -12.15 23.22
N ASN A 119 17.42 -12.65 23.11
CA ASN A 119 17.62 -14.05 22.76
C ASN A 119 17.22 -14.97 23.90
N ARG A 120 17.38 -14.51 25.14
CA ARG A 120 16.97 -15.32 26.28
C ARG A 120 15.46 -15.37 26.41
N ILE A 121 14.77 -14.28 26.07
CA ILE A 121 13.31 -14.29 26.11
C ILE A 121 12.75 -15.20 25.04
N GLU A 122 13.38 -15.23 23.86
CA GLU A 122 12.92 -16.15 22.82
C GLU A 122 13.12 -17.60 23.22
N MET A 123 14.19 -17.89 23.97
CA MET A 123 14.38 -19.26 24.44
C MET A 123 13.36 -19.62 25.51
N TYR A 124 13.00 -18.67 26.36
CA TYR A 124 11.97 -18.93 27.37
C TYR A 124 10.62 -19.21 26.71
N CYS A 125 10.32 -18.53 25.59
CA CYS A 125 9.09 -18.82 24.86
C CYS A 125 9.12 -20.23 24.28
N ARG A 126 10.27 -20.68 23.80
CA ARG A 126 10.39 -22.07 23.38
C ARG A 126 10.36 -23.02 24.57
N GLU A 127 10.84 -22.58 25.74
CA GLU A 127 10.78 -23.41 26.93
C GLU A 127 9.34 -23.59 27.40
N LEU A 128 8.48 -22.60 27.17
CA LEU A 128 7.08 -22.72 27.56
C LEU A 128 6.35 -23.81 26.77
N THR A 129 6.87 -24.19 25.60
CA THR A 129 6.25 -25.29 24.84
C THR A 129 6.48 -26.63 25.52
N GLU A 130 7.43 -26.71 26.45
CA GLU A 130 7.63 -27.93 27.23
C GLU A 130 6.68 -28.03 28.42
N ARG A 131 5.95 -26.96 28.73
CA ARG A 131 4.96 -26.95 29.78
C ARG A 131 3.55 -26.67 29.29
N PHE A 132 3.39 -26.06 28.12
CA PHE A 132 2.09 -25.80 27.51
C PHE A 132 2.05 -26.39 26.12
N GLU A 133 0.84 -26.76 25.67
CA GLU A 133 0.72 -27.37 24.35
C GLU A 133 0.85 -26.35 23.24
N ASP A 134 0.24 -25.18 23.40
CA ASP A 134 0.20 -24.14 22.37
C ASP A 134 0.58 -22.81 22.99
N VAL A 135 1.54 -22.11 22.37
CA VAL A 135 2.00 -20.81 22.82
C VAL A 135 1.89 -19.82 21.66
N TRP A 136 1.19 -18.71 21.89
CA TRP A 136 1.10 -17.61 20.93
C TRP A 136 1.95 -16.45 21.42
N VAL A 137 2.74 -15.88 20.52
CA VAL A 137 3.65 -14.79 20.86
C VAL A 137 3.40 -13.64 19.88
N VAL A 138 3.26 -12.43 20.43
CA VAL A 138 3.11 -11.21 19.63
C VAL A 138 4.29 -10.32 19.96
N SER A 139 5.12 -10.04 18.95
CA SER A 139 6.30 -9.21 19.11
C SER A 139 6.23 -8.02 18.16
N GLY A 140 6.81 -6.90 18.61
CA GLY A 140 6.83 -5.69 17.82
C GLY A 140 7.67 -4.60 18.45
N PRO A 141 7.88 -3.51 17.71
CA PRO A 141 8.68 -2.40 18.23
C PRO A 141 7.82 -1.32 18.89
N LEU A 142 8.50 -0.47 19.66
CA LEU A 142 7.85 0.65 20.32
C LEU A 142 8.78 1.86 20.33
N THR A 143 8.17 3.05 20.40
CA THR A 143 8.90 4.32 20.49
C THR A 143 8.19 5.16 21.56
N LEU A 144 8.60 4.94 22.86
CA LEU A 144 7.97 5.55 24.01
C LEU A 144 8.55 6.95 24.28
N PRO A 145 7.77 7.81 24.91
CA PRO A 145 8.24 9.17 25.21
C PRO A 145 9.19 9.16 26.42
N GLN A 146 9.62 10.36 26.80
CA GLN A 146 10.54 10.55 27.91
C GLN A 146 10.25 11.90 28.54
N THR A 147 10.09 11.91 29.86
CA THR A 147 9.85 13.16 30.56
C THR A 147 11.16 13.89 30.79
N ARG A 148 11.23 15.15 30.38
CA ARG A 148 12.44 15.94 30.53
C ARG A 148 12.42 16.67 31.87
N GLY A 149 13.50 17.41 32.15
CA GLY A 149 13.63 18.12 33.40
C GLY A 149 12.66 19.27 33.57
N ASP A 150 11.94 19.65 32.51
CA ASP A 150 10.97 20.74 32.56
C ASP A 150 9.54 20.23 32.47
N GLY A 151 9.32 18.93 32.70
CA GLY A 151 8.00 18.35 32.68
C GLY A 151 7.44 18.02 31.32
N LYS A 152 8.10 18.42 30.24
CA LYS A 152 7.59 18.15 28.90
C LYS A 152 7.99 16.75 28.46
N LYS A 153 7.01 15.98 27.99
CA LYS A 153 7.24 14.64 27.49
C LYS A 153 7.50 14.69 25.99
N ILE A 154 8.57 14.05 25.55
CA ILE A 154 9.05 14.16 24.17
C ILE A 154 9.41 12.76 23.66
N VAL A 155 8.86 12.40 22.50
CA VAL A 155 9.23 11.18 21.78
C VAL A 155 10.35 11.52 20.82
N SER A 156 11.38 10.68 20.79
CA SER A 156 12.53 10.92 19.92
C SER A 156 13.21 9.60 19.61
N TYR A 157 13.30 9.26 18.33
CA TYR A 157 13.98 8.04 17.91
C TYR A 157 14.80 8.35 16.66
N GLN A 158 15.46 7.32 16.14
CA GLN A 158 16.43 7.45 15.06
C GLN A 158 15.92 6.74 13.81
N VAL A 159 16.26 7.31 12.64
CA VAL A 159 15.97 6.69 11.36
C VAL A 159 17.30 6.47 10.65
N ILE A 160 17.41 5.35 9.94
CA ILE A 160 18.68 4.91 9.38
C ILE A 160 18.49 4.53 7.93
N GLY A 161 19.48 4.87 7.10
CA GLY A 161 19.47 4.50 5.70
C GLY A 161 18.74 5.49 4.83
N GLU A 162 18.89 5.31 3.51
CA GLU A 162 18.20 6.17 2.56
C GLU A 162 16.69 6.09 2.78
N ASP A 163 16.17 4.87 2.94
CA ASP A 163 14.79 4.69 3.39
C ASP A 163 14.78 4.82 4.90
N ASN A 164 14.13 5.87 5.40
CA ASN A 164 14.21 6.17 6.82
C ASN A 164 13.56 5.08 7.67
N VAL A 165 14.36 4.10 8.08
CA VAL A 165 13.88 2.98 8.87
C VAL A 165 13.95 3.36 10.34
N ALA A 166 12.81 3.36 11.02
CA ALA A 166 12.76 3.82 12.39
C ALA A 166 13.44 2.82 13.32
N VAL A 167 14.22 3.33 14.26
CA VAL A 167 14.94 2.50 15.23
C VAL A 167 14.18 2.56 16.54
N PRO A 168 13.52 1.49 16.97
CA PRO A 168 12.69 1.56 18.17
C PRO A 168 13.50 1.74 19.44
N SER A 169 12.92 2.43 20.41
CA SER A 169 13.55 2.59 21.71
C SER A 169 13.30 1.39 22.60
N HIS A 170 12.11 0.81 22.53
CA HIS A 170 11.74 -0.36 23.33
C HIS A 170 11.15 -1.42 22.43
N LEU A 171 11.11 -2.64 22.95
CA LEU A 171 10.48 -3.76 22.28
C LEU A 171 9.48 -4.39 23.23
N TYR A 172 8.36 -4.88 22.68
CA TYR A 172 7.33 -5.51 23.47
C TYR A 172 7.11 -6.94 23.00
N LYS A 173 6.69 -7.79 23.95
CA LYS A 173 6.38 -9.18 23.65
C LYS A 173 5.18 -9.58 24.50
N VAL A 174 4.18 -10.20 23.86
CA VAL A 174 2.98 -10.66 24.54
C VAL A 174 2.90 -12.17 24.39
N ILE A 175 2.80 -12.86 25.52
CA ILE A 175 2.82 -14.33 25.57
C ILE A 175 1.47 -14.82 26.04
N LEU A 176 0.83 -15.66 25.23
CA LEU A 176 -0.43 -16.31 25.59
C LEU A 176 -0.25 -17.81 25.43
N ALA A 177 -0.40 -18.55 26.52
CA ALA A 177 -0.13 -19.98 26.55
C ALA A 177 -1.37 -20.75 27.00
N ARG A 178 -1.62 -21.87 26.34
CA ARG A 178 -2.73 -22.76 26.64
C ARG A 178 -2.17 -24.11 27.06
N ARG A 179 -2.64 -24.63 28.20
CA ARG A 179 -2.10 -25.87 28.73
C ARG A 179 -2.40 -27.03 27.79
N SER A 180 -3.68 -27.24 27.48
CA SER A 180 -4.05 -28.36 26.62
C SER A 180 -5.40 -28.06 25.99
N SER A 181 -5.58 -28.55 24.76
CA SER A 181 -6.88 -28.41 24.10
C SER A 181 -7.95 -29.23 24.80
N VAL A 182 -7.57 -30.36 25.38
CA VAL A 182 -8.51 -31.17 26.16
C VAL A 182 -8.32 -30.81 27.62
N SER A 183 -8.71 -29.58 27.98
CA SER A 183 -8.56 -29.13 29.36
C SER A 183 -9.37 -27.86 29.54
N THR A 184 -10.01 -27.74 30.71
CA THR A 184 -10.67 -26.51 31.11
C THR A 184 -9.76 -25.59 31.91
N GLU A 185 -8.46 -25.85 31.91
CA GLU A 185 -7.53 -25.03 32.67
C GLU A 185 -7.51 -23.60 32.10
N PRO A 186 -7.45 -22.59 32.96
CA PRO A 186 -7.39 -21.21 32.47
C PRO A 186 -6.08 -20.92 31.74
N LEU A 187 -6.08 -19.84 30.98
CA LEU A 187 -4.95 -19.48 30.15
C LEU A 187 -3.99 -18.57 30.92
N ALA A 188 -2.75 -18.55 30.46
CA ALA A 188 -1.70 -17.70 31.03
C ALA A 188 -1.36 -16.60 30.05
N LEU A 189 -1.14 -15.39 30.58
CA LEU A 189 -0.92 -14.21 29.75
C LEU A 189 0.18 -13.35 30.36
N GLY A 190 0.99 -12.74 29.51
CA GLY A 190 2.02 -11.84 30.00
C GLY A 190 2.47 -10.85 28.96
N ALA A 191 2.58 -9.58 29.33
CA ALA A 191 3.04 -8.53 28.43
C ALA A 191 4.33 -7.94 28.99
N PHE A 192 5.39 -7.96 28.19
CA PHE A 192 6.69 -7.45 28.60
C PHE A 192 7.20 -6.41 27.62
N VAL A 193 7.82 -5.35 28.17
CA VAL A 193 8.40 -4.27 27.37
C VAL A 193 9.83 -4.04 27.86
N VAL A 194 10.80 -4.31 26.97
CA VAL A 194 12.23 -4.16 27.30
C VAL A 194 12.84 -3.05 26.44
N PRO A 195 13.78 -2.28 26.98
CA PRO A 195 14.43 -1.24 26.16
C PRO A 195 15.40 -1.84 25.16
N ASN A 196 15.50 -1.17 24.01
CA ASN A 196 16.37 -1.63 22.91
C ASN A 196 17.82 -1.24 23.22
N GLU A 197 18.38 -1.97 24.18
CA GLU A 197 19.76 -1.74 24.63
C GLU A 197 20.27 -3.01 25.29
N ALA A 198 21.59 -3.08 25.47
CA ALA A 198 22.19 -4.23 26.10
C ALA A 198 21.74 -4.35 27.55
N ILE A 199 21.28 -5.54 27.93
CA ILE A 199 20.83 -5.84 29.29
C ILE A 199 21.54 -7.10 29.76
N GLY A 200 22.02 -7.08 30.99
CA GLY A 200 22.75 -8.19 31.57
C GLY A 200 21.84 -9.22 32.20
N PHE A 201 22.43 -10.00 33.10
CA PHE A 201 21.72 -11.07 33.79
C PHE A 201 21.16 -10.64 35.15
N GLN A 202 21.35 -9.37 35.53
CA GLN A 202 20.82 -8.93 36.83
C GLN A 202 19.30 -8.78 36.81
N PRO A 203 18.68 -8.06 35.86
CA PRO A 203 17.22 -7.87 35.93
C PRO A 203 16.48 -9.10 35.47
N GLN A 204 15.50 -9.52 36.26
CA GLN A 204 14.64 -10.63 35.87
C GLN A 204 13.61 -10.18 34.84
N LEU A 205 13.05 -11.15 34.13
CA LEU A 205 12.05 -10.84 33.12
C LEU A 205 10.83 -10.18 33.74
N THR A 206 10.52 -10.52 34.99
CA THR A 206 9.38 -9.91 35.66
C THR A 206 9.56 -8.42 35.88
N GLU A 207 10.80 -7.92 35.88
CA GLU A 207 11.03 -6.49 36.05
C GLU A 207 10.58 -5.68 34.84
N PHE A 208 10.42 -6.32 33.68
CA PHE A 208 9.96 -5.65 32.48
C PHE A 208 8.51 -5.97 32.13
N GLN A 209 7.76 -6.54 33.06
CA GLN A 209 6.37 -6.89 32.82
C GLN A 209 5.46 -5.69 33.08
N VAL A 210 4.51 -5.48 32.18
CA VAL A 210 3.50 -4.44 32.33
C VAL A 210 2.14 -5.04 32.10
N SER A 211 1.11 -4.37 32.61
CA SER A 211 -0.25 -4.84 32.42
C SER A 211 -0.65 -4.72 30.95
N LEU A 212 -1.58 -5.57 30.53
CA LEU A 212 -2.00 -5.55 29.14
C LEU A 212 -2.72 -4.26 28.77
N GLN A 213 -3.44 -3.66 29.72
CA GLN A 213 -4.14 -2.40 29.44
C GLN A 213 -3.15 -1.26 29.26
N ASP A 214 -1.96 -1.34 29.85
CA ASP A 214 -0.97 -0.28 29.69
C ASP A 214 -0.19 -0.43 28.38
N LEU A 215 0.10 -1.67 27.98
CA LEU A 215 0.78 -1.88 26.70
C LEU A 215 -0.12 -1.52 25.52
N GLU A 216 -1.41 -1.87 25.61
CA GLU A 216 -2.33 -1.48 24.54
C GLU A 216 -2.46 0.03 24.43
N LYS A 217 -2.51 0.72 25.58
CA LYS A 217 -2.59 2.17 25.55
C LYS A 217 -1.29 2.78 25.04
N LEU A 218 -0.16 2.11 25.22
CA LEU A 218 1.11 2.63 24.73
C LEU A 218 1.30 2.34 23.24
N SER A 219 1.05 1.09 22.83
CA SER A 219 1.30 0.71 21.44
C SER A 219 0.15 1.05 20.51
N GLY A 220 -1.03 1.36 21.07
CA GLY A 220 -2.20 1.58 20.27
C GLY A 220 -2.80 0.35 19.62
N LEU A 221 -2.43 -0.84 20.07
CA LEU A 221 -2.95 -2.08 19.51
C LEU A 221 -3.94 -2.71 20.49
N VAL A 222 -4.63 -3.73 20.01
CA VAL A 222 -5.54 -4.53 20.82
C VAL A 222 -5.15 -5.99 20.57
N PHE A 223 -4.51 -6.62 21.55
CA PHE A 223 -3.99 -7.96 21.37
C PHE A 223 -5.07 -8.99 21.68
N PHE A 224 -5.13 -10.04 20.85
CA PHE A 224 -6.09 -11.14 21.00
C PHE A 224 -7.49 -10.60 21.26
N PRO A 225 -8.13 -9.98 20.26
CA PRO A 225 -9.47 -9.41 20.51
C PRO A 225 -10.53 -10.46 20.73
N HIS A 226 -10.36 -11.67 20.20
CA HIS A 226 -11.35 -12.74 20.33
C HIS A 226 -11.34 -13.37 21.72
N LEU A 227 -10.64 -12.79 22.68
CA LEU A 227 -10.49 -13.35 24.02
C LEU A 227 -11.25 -12.48 25.02
N ASP A 228 -12.00 -13.10 25.92
CA ASP A 228 -12.77 -12.38 26.92
C ASP A 228 -11.89 -12.10 28.14
N ARG A 229 -11.91 -10.85 28.59
CA ARG A 229 -11.12 -10.45 29.77
C ARG A 229 -11.85 -10.84 31.05
N THR A 230 -12.04 -12.15 31.21
CA THR A 230 -12.66 -12.69 32.41
C THR A 230 -11.61 -12.92 33.49
N SER A 231 -12.09 -13.25 34.69
CA SER A 231 -11.19 -13.58 35.79
C SER A 231 -10.42 -14.87 35.55
N ASP A 232 -10.77 -15.64 34.51
CA ASP A 232 -10.08 -16.88 34.23
C ASP A 232 -8.63 -16.64 33.83
N ILE A 233 -8.36 -15.59 33.05
CA ILE A 233 -7.02 -15.31 32.58
C ILE A 233 -6.09 -15.07 33.77
N ARG A 234 -4.99 -15.82 33.82
CA ARG A 234 -4.04 -15.73 34.93
C ARG A 234 -2.71 -15.17 34.45
N ASN A 235 -2.03 -14.47 35.34
CA ASN A 235 -0.70 -13.96 35.03
C ASN A 235 0.26 -15.12 34.76
N ILE A 236 1.06 -14.97 33.69
CA ILE A 236 2.00 -16.02 33.34
C ILE A 236 3.19 -16.10 34.28
N CYS A 237 3.52 -15.02 34.97
CA CYS A 237 4.64 -15.08 35.90
C CYS A 237 4.25 -15.64 37.26
N SER A 238 2.97 -15.91 37.49
CA SER A 238 2.52 -16.61 38.68
C SER A 238 2.23 -18.08 38.39
N VAL A 239 1.63 -18.38 37.25
CA VAL A 239 1.43 -19.77 36.85
C VAL A 239 2.75 -20.42 36.48
N ASP A 240 3.68 -19.65 35.91
CA ASP A 240 4.99 -20.15 35.53
C ASP A 240 6.07 -19.30 36.21
N THR A 241 7.33 -19.62 35.90
CA THR A 241 8.45 -19.03 36.62
C THR A 241 8.88 -17.69 36.06
N CYS A 242 8.73 -17.50 34.74
CA CYS A 242 9.15 -16.28 34.06
C CYS A 242 10.64 -16.00 34.24
N LYS A 243 11.44 -17.00 34.57
CA LYS A 243 12.87 -16.80 34.75
C LYS A 243 13.60 -17.21 33.48
N LEU A 244 14.50 -16.34 33.01
CA LEU A 244 15.33 -16.64 31.86
C LEU A 244 16.56 -17.43 32.29
N LEU A 245 17.24 -18.02 31.31
CA LEU A 245 18.48 -18.71 31.60
C LEU A 245 19.46 -17.78 32.30
N ASP A 246 20.05 -18.25 33.40
CA ASP A 246 21.09 -17.49 34.08
C ASP A 246 22.40 -17.62 33.32
N PHE A 247 23.45 -17.00 33.87
CA PHE A 247 24.74 -17.01 33.21
C PHE A 247 25.26 -18.43 32.97
N GLN A 248 25.01 -19.35 33.90
CA GLN A 248 25.52 -20.71 33.73
C GLN A 248 24.81 -21.43 32.58
N GLU A 249 23.48 -21.52 32.64
CA GLU A 249 22.73 -22.27 31.64
C GLU A 249 22.87 -21.65 30.25
N PHE A 250 22.91 -20.31 30.18
CA PHE A 250 23.01 -19.65 28.89
C PHE A 250 24.37 -19.88 28.25
N THR A 251 25.44 -19.70 29.02
CA THR A 251 26.78 -19.93 28.49
C THR A 251 26.99 -21.39 28.12
N LEU A 252 26.39 -22.31 28.87
CA LEU A 252 26.49 -23.73 28.55
C LEU A 252 25.71 -24.06 27.28
N TYR A 253 24.56 -23.41 27.06
CA TYR A 253 23.81 -23.65 25.83
C TYR A 253 24.58 -23.13 24.62
N LEU A 254 25.12 -21.92 24.71
CA LEU A 254 25.86 -21.36 23.58
C LEU A 254 27.09 -22.19 23.28
N SER A 255 27.80 -22.65 24.32
CA SER A 255 28.98 -23.48 24.12
C SER A 255 28.62 -24.85 23.55
N THR A 256 27.40 -25.33 23.81
CA THR A 256 26.99 -26.59 23.21
C THR A 256 26.68 -26.45 21.72
N ARG A 257 26.13 -25.30 21.31
CA ARG A 257 25.80 -25.11 19.90
C ARG A 257 27.00 -24.67 19.09
N LYS A 258 27.92 -23.92 19.69
CA LYS A 258 29.15 -23.49 19.04
C LYS A 258 30.16 -24.63 18.91
N ILE A 259 29.75 -25.86 19.21
CA ILE A 259 30.67 -27.00 19.21
C ILE A 259 31.08 -27.42 17.81
N GLU A 260 30.47 -26.84 16.77
CA GLU A 260 30.81 -27.17 15.38
C GLU A 260 31.89 -26.26 14.82
N GLY A 261 32.93 -25.97 15.59
CA GLY A 261 34.00 -25.12 15.08
C GLY A 261 34.89 -25.83 14.08
N ALA A 262 35.15 -27.12 14.31
CA ALA A 262 35.92 -27.96 13.40
C ALA A 262 37.33 -27.41 13.18
N ARG A 263 38.04 -27.16 14.29
CA ARG A 263 39.42 -26.68 14.26
C ARG A 263 40.03 -26.71 15.66
N SER A 264 41.14 -25.99 15.85
CA SER A 264 41.68 -25.79 17.18
C SER A 264 40.83 -24.84 18.02
N VAL A 265 39.87 -24.15 17.38
CA VAL A 265 38.90 -23.33 18.11
C VAL A 265 38.05 -24.21 19.03
N LEU A 266 37.93 -25.51 18.72
CA LEU A 266 37.23 -26.42 19.61
C LEU A 266 37.85 -26.40 21.00
N ARG A 267 39.19 -26.48 21.08
CA ARG A 267 39.84 -26.37 22.38
C ARG A 267 39.70 -24.96 22.95
N LEU A 268 39.64 -23.95 22.08
CA LEU A 268 39.43 -22.59 22.57
C LEU A 268 38.03 -22.39 23.14
N GLU A 269 37.10 -23.31 22.84
CA GLU A 269 35.77 -23.21 23.42
C GLU A 269 35.79 -23.62 24.89
N LYS A 270 36.47 -24.72 25.22
CA LYS A 270 36.60 -25.11 26.62
C LYS A 270 37.46 -24.12 27.40
N ILE A 271 38.43 -23.49 26.73
CA ILE A 271 39.23 -22.44 27.37
C ILE A 271 38.32 -21.33 27.89
N MET A 272 37.56 -20.71 26.97
CA MET A 272 36.62 -19.67 27.38
C MET A 272 35.60 -20.19 28.39
N GLU A 273 35.22 -21.47 28.28
CA GLU A 273 34.29 -22.05 29.25
C GLU A 273 34.96 -22.28 30.60
N ASN A 274 36.25 -22.62 30.61
CA ASN A 274 36.94 -22.91 31.86
C ASN A 274 37.08 -21.65 32.71
N LEU A 275 37.63 -20.57 32.13
CA LEU A 275 37.72 -19.33 32.88
C LEU A 275 36.37 -18.67 33.11
N LYS A 276 35.28 -19.27 32.62
CA LYS A 276 33.95 -18.68 32.76
C LYS A 276 33.28 -19.13 34.05
N ASN A 277 33.96 -18.82 35.17
CA ASN A 277 33.40 -18.98 36.50
C ASN A 277 32.98 -20.43 36.79
N ALA A 278 33.88 -21.37 36.49
CA ALA A 278 33.74 -22.76 36.89
C ALA A 278 32.42 -23.38 36.46
N GLU A 279 32.39 -24.00 35.28
CA GLU A 279 31.21 -24.71 34.81
C GLU A 279 31.64 -25.99 34.11
N ILE A 280 30.84 -27.04 34.29
CA ILE A 280 31.13 -28.35 33.73
C ILE A 280 29.92 -28.83 32.93
N GLU A 281 30.19 -29.70 31.94
CA GLU A 281 29.18 -30.20 31.02
C GLU A 281 28.90 -31.67 31.27
N PRO A 282 27.63 -32.10 31.31
CA PRO A 282 27.31 -33.49 31.65
C PRO A 282 27.34 -34.44 30.46
N ASP A 283 27.01 -33.95 29.27
CA ASP A 283 26.83 -34.79 28.10
C ASP A 283 28.16 -35.23 27.49
N ASP A 284 28.11 -35.73 26.26
CA ASP A 284 29.33 -36.04 25.52
C ASP A 284 29.88 -34.74 24.94
N TYR A 285 31.07 -34.36 25.38
CA TYR A 285 31.65 -33.06 25.07
C TYR A 285 32.92 -33.24 24.24
N PHE A 286 33.08 -32.34 23.25
CA PHE A 286 34.10 -32.38 22.20
C PHE A 286 34.70 -33.76 21.97
N MET A 287 33.93 -34.66 21.36
CA MET A 287 34.44 -35.95 20.94
C MET A 287 35.31 -35.71 19.71
N SER A 288 36.51 -35.19 19.97
CA SER A 288 37.41 -34.73 18.92
C SER A 288 37.87 -35.92 18.07
N ARG A 289 37.63 -35.82 16.76
CA ARG A 289 37.99 -36.87 15.81
C ARG A 289 38.75 -36.24 14.65
N TYR A 290 39.94 -35.72 14.95
CA TYR A 290 40.72 -34.92 14.02
C TYR A 290 42.00 -35.65 13.63
N GLU A 291 42.20 -35.82 12.32
CA GLU A 291 43.39 -36.44 11.76
C GLU A 291 44.67 -35.70 12.17
N VAL D 4 -6.69 -20.71 10.30
CA VAL D 4 -5.27 -20.83 10.63
C VAL D 4 -5.14 -21.11 12.13
N LEU D 5 -3.92 -21.47 12.56
CA LEU D 5 -3.69 -21.76 13.97
C LEU D 5 -3.86 -20.53 14.84
N GLU D 6 -3.59 -19.34 14.30
CA GLU D 6 -3.86 -18.09 15.01
C GLU D 6 -5.36 -17.86 15.09
N GLN D 7 -5.99 -18.40 16.13
CA GLN D 7 -7.44 -18.40 16.26
C GLN D 7 -7.97 -17.36 17.24
N PHE D 8 -7.14 -16.86 18.15
CA PHE D 8 -7.57 -15.85 19.11
C PHE D 8 -7.60 -14.44 18.52
N GLY D 9 -7.50 -14.31 17.20
CA GLY D 9 -7.63 -13.01 16.57
C GLY D 9 -6.33 -12.26 16.40
N PHE D 10 -6.07 -11.78 15.19
CA PHE D 10 -4.95 -10.89 14.96
C PHE D 10 -5.12 -9.61 15.76
N PRO D 11 -4.02 -8.97 16.17
CA PRO D 11 -4.13 -7.71 16.90
C PRO D 11 -4.82 -6.65 16.03
N LEU D 12 -5.62 -5.81 16.67
CA LEU D 12 -6.36 -4.77 15.96
C LEU D 12 -5.53 -3.49 15.92
N THR D 13 -5.33 -2.96 14.72
CA THR D 13 -4.66 -1.67 14.58
C THR D 13 -5.63 -0.50 14.65
N GLY D 14 -6.91 -0.72 14.37
CA GLY D 14 -7.90 0.33 14.43
C GLY D 14 -7.76 1.38 13.35
N THR D 15 -7.16 1.05 12.21
CA THR D 15 -6.89 1.99 11.14
C THR D 15 -7.90 1.90 10.01
N GLU D 16 -9.09 1.37 10.29
CA GLU D 16 -10.11 1.26 9.26
C GLU D 16 -10.80 2.60 9.06
N ALA D 17 -11.29 2.82 7.84
CA ALA D 17 -11.88 4.09 7.46
C ALA D 17 -13.19 4.32 8.21
N ARG D 18 -13.33 5.52 8.80
CA ARG D 18 -14.50 5.89 9.58
C ARG D 18 -15.24 6.99 8.84
N CYS D 19 -16.39 6.65 8.25
CA CYS D 19 -17.17 7.59 7.45
C CYS D 19 -18.10 8.42 8.31
N TYR D 20 -18.28 9.67 7.93
CA TYR D 20 -19.19 10.57 8.63
C TYR D 20 -20.11 11.21 7.60
N THR D 21 -20.72 12.35 7.97
CA THR D 21 -21.68 12.97 7.07
C THR D 21 -20.99 13.43 5.79
N ASN D 22 -19.90 14.17 5.92
CA ASN D 22 -19.19 14.76 4.79
C ASN D 22 -17.70 14.42 4.73
N HIS D 23 -17.10 13.90 5.80
CA HIS D 23 -15.69 13.56 5.79
C HIS D 23 -15.50 12.15 6.32
N ALA D 24 -14.31 11.60 6.06
CA ALA D 24 -13.90 10.29 6.54
C ALA D 24 -12.48 10.38 7.08
N LEU D 25 -12.22 9.68 8.19
CA LEU D 25 -10.93 9.76 8.83
C LEU D 25 -10.49 8.38 9.31
N SER D 26 -9.21 8.09 9.10
CA SER D 26 -8.56 6.91 9.65
C SER D 26 -7.80 7.35 10.89
N TYR D 27 -8.05 6.67 12.01
CA TYR D 27 -7.49 7.09 13.28
C TYR D 27 -6.18 6.38 13.57
N ASP D 28 -5.26 7.09 14.23
CA ASP D 28 -4.01 6.52 14.71
C ASP D 28 -4.12 6.37 16.22
N GLN D 29 -4.47 5.17 16.68
CA GLN D 29 -4.73 4.93 18.11
C GLN D 29 -3.49 5.13 18.97
N ALA D 30 -2.29 5.04 18.41
CA ALA D 30 -1.08 5.26 19.19
C ALA D 30 -0.84 6.74 19.50
N LYS D 31 -1.17 7.63 18.55
CA LYS D 31 -0.88 9.06 18.68
C LYS D 31 -2.08 9.90 19.10
N ARG D 32 -3.28 9.32 19.11
CA ARG D 32 -4.53 10.04 19.43
C ARG D 32 -4.83 11.14 18.41
N VAL D 33 -4.32 10.99 17.20
CA VAL D 33 -4.61 11.94 16.12
C VAL D 33 -5.04 11.14 14.90
N PRO D 34 -5.70 11.80 13.94
CA PRO D 34 -6.07 11.10 12.71
C PRO D 34 -4.85 10.82 11.85
N ARG D 35 -4.91 9.70 11.14
CA ARG D 35 -3.88 9.38 10.17
C ARG D 35 -4.09 10.18 8.89
N TRP D 36 -5.31 10.17 8.36
CA TRP D 36 -5.69 10.98 7.22
C TRP D 36 -7.17 11.35 7.33
N VAL D 37 -7.52 12.51 6.82
CA VAL D 37 -8.88 13.02 6.85
C VAL D 37 -9.25 13.42 5.42
N LEU D 38 -10.21 12.73 4.84
CA LEU D 38 -10.66 13.00 3.47
C LEU D 38 -11.96 13.78 3.51
N GLU D 39 -12.04 14.85 2.73
CA GLU D 39 -13.25 15.67 2.67
C GLU D 39 -13.57 16.04 1.24
N HIS D 40 -14.84 16.38 1.02
CA HIS D 40 -15.33 16.83 -0.27
C HIS D 40 -16.02 18.17 -0.10
N ILE D 41 -15.83 19.05 -1.07
CA ILE D 41 -16.38 20.41 -0.99
C ILE D 41 -16.88 20.81 -2.38
N SER D 42 -18.09 21.36 -2.41
CA SER D 42 -18.71 21.86 -3.62
C SER D 42 -19.27 23.25 -3.33
N LYS D 43 -19.86 23.86 -4.37
CA LYS D 43 -20.46 25.18 -4.20
C LYS D 43 -21.60 25.14 -3.20
N SER D 44 -22.41 24.09 -3.21
CA SER D 44 -23.56 24.03 -2.34
C SER D 44 -23.22 23.66 -0.90
N LYS D 45 -22.09 22.97 -0.68
CA LYS D 45 -21.78 22.52 0.68
C LYS D 45 -21.32 23.68 1.56
N ILE D 46 -20.49 24.58 1.01
CA ILE D 46 -19.99 25.71 1.78
C ILE D 46 -21.03 26.80 1.98
N MET D 47 -22.24 26.62 1.44
CA MET D 47 -23.34 27.58 1.61
C MET D 47 -24.42 26.94 2.45
N GLY D 48 -24.61 27.46 3.66
CA GLY D 48 -25.65 26.92 4.53
C GLY D 48 -25.88 27.81 5.73
N ASP D 49 -26.67 27.29 6.67
CA ASP D 49 -27.10 28.04 7.85
C ASP D 49 -26.45 27.56 9.13
N ALA D 50 -25.53 26.59 9.06
CA ALA D 50 -24.85 26.08 10.24
C ALA D 50 -23.84 27.09 10.77
N ASP D 51 -23.65 27.07 12.08
CA ASP D 51 -22.72 27.98 12.74
C ASP D 51 -21.88 27.23 13.75
N ARG D 52 -20.61 27.63 13.89
CA ARG D 52 -19.67 26.93 14.74
C ARG D 52 -19.80 27.31 16.22
N LYS D 53 -20.42 28.45 16.53
CA LYS D 53 -20.57 28.85 17.92
C LYS D 53 -21.52 27.95 18.69
N HIS D 54 -22.29 27.12 18.00
CA HIS D 54 -23.15 26.12 18.63
C HIS D 54 -22.48 24.76 18.75
N CYS D 55 -21.25 24.63 18.26
CA CYS D 55 -20.49 23.38 18.33
C CYS D 55 -19.41 23.48 19.39
N LYS D 56 -19.07 22.34 19.97
CA LYS D 56 -18.02 22.28 20.98
C LYS D 56 -17.16 21.04 20.77
N PHE D 57 -15.88 21.18 21.08
CA PHE D 57 -14.95 20.06 20.95
C PHE D 57 -15.30 18.97 21.97
N LYS D 58 -15.39 17.73 21.51
CA LYS D 58 -15.73 16.60 22.35
C LYS D 58 -15.10 15.36 21.76
N PRO D 59 -14.85 14.33 22.59
CA PRO D 59 -14.26 13.10 22.06
C PRO D 59 -15.24 12.37 21.14
N ASP D 60 -14.67 11.62 20.20
CA ASP D 60 -15.46 10.88 19.23
C ASP D 60 -16.20 9.75 19.92
N PRO D 61 -17.52 9.67 19.81
CA PRO D 61 -18.25 8.58 20.48
C PRO D 61 -18.02 7.21 19.85
N ASN D 62 -17.40 7.13 18.67
CA ASN D 62 -17.15 5.86 18.00
C ASN D 62 -15.70 5.42 18.12
N ILE D 63 -14.96 5.97 19.08
CA ILE D 63 -13.57 5.60 19.31
C ILE D 63 -13.38 5.21 20.78
N PRO D 64 -12.74 4.09 21.06
CA PRO D 64 -12.57 3.64 22.46
C PRO D 64 -11.89 4.71 23.31
N PRO D 65 -12.43 4.97 24.50
CA PRO D 65 -11.88 6.07 25.33
C PRO D 65 -10.41 5.91 25.68
N THR D 66 -9.88 4.69 25.64
CA THR D 66 -8.45 4.50 25.90
C THR D 66 -7.59 5.18 24.84
N PHE D 67 -8.01 5.10 23.58
CA PHE D 67 -7.27 5.68 22.46
C PHE D 67 -7.80 7.05 22.07
N SER D 68 -8.73 7.61 22.83
CA SER D 68 -9.35 8.89 22.52
C SER D 68 -8.67 10.00 23.30
N ALA D 69 -8.37 11.10 22.62
CA ALA D 69 -7.89 12.29 23.30
C ALA D 69 -9.06 13.01 23.97
N PHE D 70 -8.72 13.86 24.94
CA PHE D 70 -9.72 14.60 25.67
C PHE D 70 -9.34 16.08 25.71
N ASN D 71 -10.34 16.90 26.03
CA ASN D 71 -10.13 18.35 26.03
C ASN D 71 -9.09 18.79 27.05
N GLU D 72 -9.01 18.10 28.20
CA GLU D 72 -8.01 18.48 29.20
C GLU D 72 -6.58 18.24 28.72
N ASP D 73 -6.40 17.44 27.67
CA ASP D 73 -5.08 17.29 27.09
C ASP D 73 -4.65 18.51 26.29
N TYR D 74 -5.63 19.23 25.71
CA TYR D 74 -5.34 20.41 24.92
C TYR D 74 -5.39 21.69 25.74
N VAL D 75 -6.36 21.81 26.65
CA VAL D 75 -6.57 23.05 27.38
C VAL D 75 -5.37 23.35 28.26
N GLY D 76 -4.85 24.58 28.15
CA GLY D 76 -3.71 24.98 28.96
C GLY D 76 -2.42 24.29 28.61
N SER D 77 -2.33 23.70 27.42
CA SER D 77 -1.17 22.91 27.01
C SER D 77 -0.21 23.66 26.12
N GLY D 78 -0.46 24.95 25.85
CA GLY D 78 0.35 25.69 24.91
C GLY D 78 0.09 25.37 23.46
N TRP D 79 -0.91 24.56 23.16
CA TRP D 79 -1.27 24.22 21.79
C TRP D 79 -2.77 24.39 21.60
N SER D 80 -3.20 24.36 20.34
CA SER D 80 -4.57 24.65 19.98
C SER D 80 -5.22 23.44 19.32
N ARG D 81 -6.54 23.35 19.47
CA ARG D 81 -7.29 22.25 18.88
C ARG D 81 -7.49 22.56 17.40
N GLY D 82 -6.83 21.79 16.53
CA GLY D 82 -6.88 22.10 15.12
C GLY D 82 -7.53 21.03 14.27
N ALA D 83 -8.59 21.38 13.57
CA ALA D 83 -9.31 20.42 12.75
C ALA D 83 -8.63 20.24 11.40
N MET D 84 -8.69 19.01 10.89
CA MET D 84 -8.24 18.72 9.53
C MET D 84 -9.36 18.94 8.52
N ALA D 85 -10.59 18.59 8.92
CA ALA D 85 -11.77 18.92 8.14
C ALA D 85 -12.35 20.22 8.68
N PRO D 86 -12.20 21.35 7.99
CA PRO D 86 -12.63 22.62 8.58
C PRO D 86 -14.13 22.68 8.77
N ALA D 87 -14.54 23.46 9.77
CA ALA D 87 -15.97 23.66 10.01
C ALA D 87 -16.60 24.50 8.91
N GLY D 88 -15.85 25.45 8.35
CA GLY D 88 -16.38 26.30 7.29
C GLY D 88 -16.70 25.56 6.01
N ASN D 89 -16.16 24.36 5.84
CA ASN D 89 -16.45 23.55 4.66
C ASN D 89 -17.77 22.79 4.77
N ASN D 90 -18.44 22.87 5.91
CA ASN D 90 -19.67 22.11 6.18
C ASN D 90 -20.77 23.04 6.71
N LYS D 91 -20.97 24.17 6.02
CA LYS D 91 -22.02 25.11 6.44
C LYS D 91 -23.41 24.61 6.09
N PHE D 92 -23.52 23.67 5.15
CA PHE D 92 -24.83 23.22 4.71
C PHE D 92 -25.54 22.40 5.78
N SER D 93 -24.80 21.57 6.51
CA SER D 93 -25.37 20.69 7.52
C SER D 93 -24.75 20.98 8.88
N SER D 94 -25.60 21.19 9.89
CA SER D 94 -25.10 21.35 11.24
C SER D 94 -24.60 20.01 11.82
N LYS D 95 -25.16 18.89 11.35
CA LYS D 95 -24.66 17.59 11.78
C LYS D 95 -23.29 17.30 11.19
N ALA D 96 -23.02 17.82 9.99
CA ALA D 96 -21.70 17.64 9.40
C ALA D 96 -20.67 18.49 10.11
N MET D 97 -21.02 19.74 10.43
CA MET D 97 -20.09 20.60 11.14
C MET D 97 -19.77 20.06 12.53
N ALA D 98 -20.78 19.55 13.25
CA ALA D 98 -20.57 19.08 14.62
C ALA D 98 -19.64 17.88 14.66
N GLU D 99 -19.65 17.03 13.61
CA GLU D 99 -18.74 15.90 13.56
C GLU D 99 -17.30 16.32 13.29
N THR D 100 -17.07 17.50 12.70
CA THR D 100 -15.70 17.96 12.53
C THR D 100 -15.08 18.38 13.85
N PHE D 101 -15.90 18.78 14.82
CA PHE D 101 -15.40 19.15 16.14
C PHE D 101 -15.10 17.94 17.01
N TYR D 102 -15.28 16.73 16.47
CA TYR D 102 -14.83 15.54 17.16
C TYR D 102 -13.31 15.52 17.24
N LEU D 103 -12.78 15.16 18.41
CA LEU D 103 -11.33 15.17 18.57
C LEU D 103 -10.62 14.18 17.66
N SER D 104 -11.34 13.26 17.02
CA SER D 104 -10.72 12.38 16.03
C SER D 104 -10.29 13.14 14.79
N ASN D 105 -10.85 14.33 14.58
CA ASN D 105 -10.49 15.22 13.49
C ASN D 105 -9.54 16.33 13.95
N ILE D 106 -9.06 16.25 15.19
CA ILE D 106 -8.30 17.31 15.81
C ILE D 106 -6.87 16.83 16.03
N VAL D 107 -5.91 17.69 15.71
CA VAL D 107 -4.50 17.46 16.04
C VAL D 107 -3.98 18.69 16.75
N PRO D 108 -2.92 18.55 17.56
CA PRO D 108 -2.29 19.72 18.17
C PRO D 108 -1.63 20.59 17.11
N GLN D 109 -2.10 21.83 16.99
CA GLN D 109 -1.62 22.76 15.98
C GLN D 109 -1.37 24.12 16.61
N ASP D 110 -0.31 24.79 16.15
CA ASP D 110 0.05 26.10 16.66
C ASP D 110 -1.07 27.11 16.44
N PHE D 111 -1.22 28.01 17.41
CA PHE D 111 -2.30 29.01 17.35
C PHE D 111 -2.19 29.88 16.10
N ASP D 112 -1.03 30.51 15.91
CA ASP D 112 -0.85 31.41 14.78
C ASP D 112 -0.94 30.67 13.45
N ASN D 113 -0.41 29.44 13.40
CA ASN D 113 -0.55 28.65 12.19
C ASN D 113 -2.01 28.26 11.93
N ASN D 114 -2.76 27.98 13.00
CA ASN D 114 -4.16 27.57 12.83
C ASN D 114 -5.00 28.71 12.31
N SER D 115 -4.88 29.89 12.93
CA SER D 115 -5.65 31.06 12.57
C SER D 115 -5.06 31.84 11.40
N GLY D 116 -3.82 31.55 11.03
CA GLY D 116 -3.19 32.26 9.94
C GLY D 116 -2.97 31.42 8.70
N TYR D 117 -1.75 30.90 8.53
CA TYR D 117 -1.35 30.36 7.24
C TYR D 117 -2.19 29.15 6.84
N TRP D 118 -2.42 28.24 7.79
CA TRP D 118 -3.23 27.06 7.50
C TRP D 118 -4.69 27.45 7.24
N ASN D 119 -5.19 28.50 7.91
CA ASN D 119 -6.54 28.97 7.64
C ASN D 119 -6.66 29.50 6.21
N ARG D 120 -5.61 30.15 5.70
CA ARG D 120 -5.66 30.70 4.35
C ARG D 120 -5.66 29.60 3.31
N ILE D 121 -4.92 28.52 3.54
CA ILE D 121 -4.97 27.40 2.60
C ILE D 121 -6.35 26.77 2.61
N GLU D 122 -7.02 26.75 3.76
CA GLU D 122 -8.39 26.27 3.79
C GLU D 122 -9.31 27.19 2.99
N MET D 123 -9.06 28.50 3.03
CA MET D 123 -9.86 29.41 2.22
C MET D 123 -9.59 29.21 0.73
N TYR D 124 -8.35 28.91 0.37
CA TYR D 124 -8.02 28.66 -1.03
C TYR D 124 -8.76 27.43 -1.55
N CYS D 125 -8.87 26.39 -0.73
CA CYS D 125 -9.60 25.19 -1.16
C CYS D 125 -11.07 25.50 -1.41
N ARG D 126 -11.69 26.30 -0.54
CA ARG D 126 -13.06 26.71 -0.78
C ARG D 126 -13.18 27.59 -2.01
N GLU D 127 -12.16 28.42 -2.28
CA GLU D 127 -12.21 29.26 -3.46
C GLU D 127 -12.15 28.43 -4.73
N LEU D 128 -11.51 27.25 -4.68
CA LEU D 128 -11.48 26.37 -5.84
C LEU D 128 -12.86 25.89 -6.25
N THR D 129 -13.84 25.95 -5.34
CA THR D 129 -15.20 25.56 -5.70
C THR D 129 -15.83 26.50 -6.71
N GLU D 130 -15.28 27.70 -6.87
CA GLU D 130 -15.81 28.62 -7.89
C GLU D 130 -15.31 28.25 -9.29
N ARG D 131 -14.14 27.64 -9.39
CA ARG D 131 -13.60 27.23 -10.68
C ARG D 131 -13.70 25.74 -10.93
N PHE D 132 -13.90 24.93 -9.89
CA PHE D 132 -14.04 23.48 -10.02
C PHE D 132 -15.34 23.03 -9.38
N GLU D 133 -15.98 22.03 -10.00
CA GLU D 133 -17.25 21.54 -9.47
C GLU D 133 -17.05 20.64 -8.26
N ASP D 134 -16.01 19.80 -8.28
CA ASP D 134 -15.71 18.88 -7.19
C ASP D 134 -14.27 19.10 -6.73
N VAL D 135 -14.09 19.13 -5.41
CA VAL D 135 -12.77 19.28 -4.79
C VAL D 135 -12.64 18.30 -3.64
N TRP D 136 -11.60 17.48 -3.66
CA TRP D 136 -11.26 16.59 -2.56
C TRP D 136 -10.00 17.08 -1.87
N VAL D 137 -9.97 16.98 -0.54
CA VAL D 137 -8.84 17.41 0.26
C VAL D 137 -8.52 16.33 1.28
N VAL D 138 -7.27 15.90 1.33
CA VAL D 138 -6.79 14.93 2.31
C VAL D 138 -5.81 15.64 3.23
N SER D 139 -6.25 15.91 4.45
CA SER D 139 -5.44 16.60 5.45
C SER D 139 -5.01 15.61 6.52
N GLY D 140 -3.90 15.91 7.17
CA GLY D 140 -3.38 15.05 8.20
C GLY D 140 -2.09 15.55 8.78
N PRO D 141 -1.70 15.02 9.93
CA PRO D 141 -0.45 15.42 10.57
C PRO D 141 0.72 14.57 10.10
N LEU D 142 1.92 15.05 10.41
CA LEU D 142 3.15 14.34 10.09
C LEU D 142 4.20 14.63 11.15
N THR D 143 5.09 13.65 11.36
CA THR D 143 6.24 13.77 12.24
C THR D 143 7.47 13.41 11.41
N LEU D 144 8.10 14.43 10.81
CA LEU D 144 9.19 14.20 9.88
C LEU D 144 10.54 14.24 10.58
N PRO D 145 11.52 13.48 10.07
CA PRO D 145 12.86 13.51 10.67
C PRO D 145 13.58 14.81 10.34
N GLN D 146 14.65 15.05 11.09
CA GLN D 146 15.51 16.21 10.88
C GLN D 146 16.95 15.73 10.95
N THR D 147 17.71 15.96 9.88
CA THR D 147 19.10 15.51 9.86
C THR D 147 19.95 16.43 10.73
N ARG D 148 20.72 15.84 11.63
CA ARG D 148 21.56 16.61 12.53
C ARG D 148 22.90 16.92 11.88
N GLY D 149 23.69 17.77 12.56
CA GLY D 149 24.97 18.17 12.02
C GLY D 149 25.96 17.04 11.89
N ASP D 150 25.87 16.04 12.77
CA ASP D 150 26.74 14.88 12.69
C ASP D 150 26.28 13.85 11.67
N GLY D 151 25.11 14.05 11.04
CA GLY D 151 24.59 13.14 10.05
C GLY D 151 23.51 12.20 10.55
N LYS D 152 23.40 12.02 11.86
CA LYS D 152 22.38 11.13 12.40
C LYS D 152 21.00 11.80 12.28
N LYS D 153 20.13 11.19 11.48
CA LYS D 153 18.77 11.69 11.30
C LYS D 153 17.89 11.24 12.46
N ILE D 154 17.14 12.18 13.03
CA ILE D 154 16.39 11.97 14.26
C ILE D 154 14.96 12.48 14.07
N VAL D 155 13.99 11.68 14.49
CA VAL D 155 12.59 12.08 14.57
C VAL D 155 12.31 12.51 16.00
N SER D 156 11.66 13.65 16.18
CA SER D 156 11.36 14.14 17.52
C SER D 156 10.06 14.92 17.49
N TYR D 157 9.15 14.58 18.40
CA TYR D 157 7.90 15.31 18.53
C TYR D 157 7.47 15.27 19.98
N GLN D 158 6.56 16.18 20.34
CA GLN D 158 6.10 16.33 21.70
C GLN D 158 4.76 15.65 21.87
N VAL D 159 4.57 15.00 23.02
CA VAL D 159 3.28 14.46 23.43
C VAL D 159 2.80 15.30 24.62
N ILE D 160 1.51 15.64 24.60
CA ILE D 160 0.93 16.53 25.60
C ILE D 160 -0.26 15.85 26.26
N GLY D 161 -0.55 16.29 27.48
CA GLY D 161 -1.67 15.78 28.23
C GLY D 161 -1.38 14.43 28.87
N GLU D 162 -2.30 14.00 29.73
CA GLU D 162 -2.14 12.70 30.38
C GLU D 162 -2.29 11.55 29.40
N ASP D 163 -2.92 11.79 28.25
CA ASP D 163 -3.12 10.77 27.24
C ASP D 163 -2.05 10.76 26.16
N ASN D 164 -1.06 11.65 26.25
CA ASN D 164 0.10 11.68 25.35
C ASN D 164 -0.34 11.77 23.89
N VAL D 165 -0.90 12.93 23.56
CA VAL D 165 -1.34 13.24 22.21
C VAL D 165 -0.15 13.78 21.42
N ALA D 166 0.14 13.15 20.28
CA ALA D 166 1.33 13.52 19.52
C ALA D 166 1.14 14.88 18.85
N VAL D 167 2.15 15.74 18.96
CA VAL D 167 2.15 17.05 18.32
C VAL D 167 2.92 16.92 17.01
N PRO D 168 2.28 17.09 15.86
CA PRO D 168 2.99 16.92 14.59
C PRO D 168 3.98 18.05 14.33
N SER D 169 5.04 17.71 13.59
CA SER D 169 6.00 18.70 13.14
C SER D 169 5.57 19.38 11.85
N HIS D 170 4.90 18.65 10.97
CA HIS D 170 4.42 19.17 9.69
C HIS D 170 3.01 18.69 9.43
N LEU D 171 2.27 19.46 8.65
CA LEU D 171 0.94 19.10 8.19
C LEU D 171 0.95 18.98 6.68
N TYR D 172 0.23 17.99 6.16
CA TYR D 172 0.12 17.81 4.72
C TYR D 172 -1.32 18.06 4.27
N LYS D 173 -1.45 18.30 2.98
CA LYS D 173 -2.75 18.60 2.38
C LYS D 173 -2.65 18.25 0.91
N VAL D 174 -3.45 17.29 0.47
CA VAL D 174 -3.47 16.84 -0.92
C VAL D 174 -4.77 17.33 -1.54
N ILE D 175 -4.64 18.20 -2.53
CA ILE D 175 -5.79 18.82 -3.19
C ILE D 175 -6.00 18.13 -4.53
N LEU D 176 -7.16 17.51 -4.72
CA LEU D 176 -7.57 16.94 -5.99
C LEU D 176 -8.89 17.57 -6.41
N ALA D 177 -8.89 18.30 -7.52
CA ALA D 177 -10.10 18.96 -8.00
C ALA D 177 -10.48 18.47 -9.39
N ARG D 178 -11.78 18.50 -9.68
CA ARG D 178 -12.32 18.15 -10.99
C ARG D 178 -13.12 19.33 -11.54
N ARG D 179 -12.90 19.64 -12.82
CA ARG D 179 -13.57 20.77 -13.45
C ARG D 179 -15.08 20.59 -13.46
N SER D 180 -15.56 19.59 -14.20
CA SER D 180 -16.98 19.30 -14.26
C SER D 180 -17.19 17.91 -14.82
N SER D 181 -18.28 17.27 -14.41
CA SER D 181 -18.60 15.96 -14.96
C SER D 181 -18.95 16.03 -16.44
N VAL D 182 -19.33 17.21 -16.93
CA VAL D 182 -19.60 17.36 -18.35
C VAL D 182 -18.30 17.60 -19.13
N SER D 183 -17.31 18.18 -18.49
CA SER D 183 -16.03 18.46 -19.14
C SER D 183 -15.11 17.26 -19.04
N THR D 184 -14.36 17.02 -20.12
CA THR D 184 -13.38 15.93 -20.18
C THR D 184 -11.98 16.39 -19.78
N GLU D 185 -11.88 17.51 -19.08
CA GLU D 185 -10.56 18.03 -18.71
C GLU D 185 -9.91 17.09 -17.70
N PRO D 186 -8.64 16.74 -17.87
CA PRO D 186 -7.95 15.91 -16.88
C PRO D 186 -7.89 16.62 -15.53
N LEU D 187 -7.85 15.82 -14.47
CA LEU D 187 -7.91 16.35 -13.12
C LEU D 187 -6.62 17.09 -12.76
N ALA D 188 -6.75 18.00 -11.79
CA ALA D 188 -5.61 18.69 -11.21
C ALA D 188 -5.32 18.12 -9.83
N LEU D 189 -4.02 18.02 -9.50
CA LEU D 189 -3.57 17.45 -8.24
C LEU D 189 -2.40 18.25 -7.71
N GLY D 190 -2.35 18.40 -6.38
CA GLY D 190 -1.21 19.04 -5.75
C GLY D 190 -1.08 18.72 -4.27
N ALA D 191 0.13 18.33 -3.84
CA ALA D 191 0.40 17.99 -2.45
C ALA D 191 1.28 19.07 -1.83
N PHE D 192 0.94 19.45 -0.59
CA PHE D 192 1.61 20.55 0.10
C PHE D 192 1.89 20.14 1.54
N VAL D 193 3.13 20.39 1.99
CA VAL D 193 3.57 20.04 3.34
C VAL D 193 4.04 21.33 4.02
N VAL D 194 3.29 21.79 5.01
CA VAL D 194 3.63 23.03 5.72
C VAL D 194 4.03 22.70 7.15
N PRO D 195 5.03 23.39 7.71
CA PRO D 195 5.45 23.09 9.08
C PRO D 195 4.43 23.58 10.11
N ASN D 196 4.37 22.87 11.24
CA ASN D 196 3.42 23.20 12.30
C ASN D 196 4.01 24.29 13.20
N GLU D 197 4.17 25.47 12.60
CA GLU D 197 4.70 26.63 13.30
C GLU D 197 4.15 27.89 12.64
N ALA D 198 4.52 29.04 13.19
CA ALA D 198 4.01 30.31 12.70
C ALA D 198 4.62 30.64 11.34
N ILE D 199 3.76 30.96 10.37
CA ILE D 199 4.19 31.35 9.03
C ILE D 199 3.44 32.61 8.65
N GLY D 200 4.18 33.65 8.24
CA GLY D 200 3.61 34.92 7.87
C GLY D 200 3.10 34.92 6.43
N PHE D 201 2.93 36.14 5.91
CA PHE D 201 2.40 36.34 4.57
C PHE D 201 3.47 36.32 3.48
N GLN D 202 4.75 36.30 3.85
CA GLN D 202 5.80 36.31 2.84
C GLN D 202 5.83 35.04 2.01
N PRO D 203 5.91 33.83 2.59
CA PRO D 203 6.06 32.63 1.75
C PRO D 203 4.79 32.32 0.97
N GLN D 204 4.98 31.85 -0.25
CA GLN D 204 3.89 31.45 -1.13
C GLN D 204 3.57 29.97 -0.93
N LEU D 205 2.32 29.61 -1.23
CA LEU D 205 1.90 28.23 -1.04
C LEU D 205 2.68 27.28 -1.94
N THR D 206 3.06 27.73 -3.14
CA THR D 206 3.79 26.86 -4.05
C THR D 206 5.18 26.53 -3.54
N GLU D 207 5.69 27.29 -2.56
CA GLU D 207 6.97 26.97 -1.94
C GLU D 207 6.88 25.76 -1.02
N PHE D 208 5.66 25.33 -0.67
CA PHE D 208 5.45 24.17 0.18
C PHE D 208 4.97 22.95 -0.60
N GLN D 209 4.90 23.04 -1.93
CA GLN D 209 4.45 21.92 -2.73
C GLN D 209 5.52 20.84 -2.78
N VAL D 210 5.08 19.58 -2.74
CA VAL D 210 5.96 18.42 -2.85
C VAL D 210 5.37 17.45 -3.86
N SER D 211 6.24 16.58 -4.38
CA SER D 211 5.79 15.53 -5.28
C SER D 211 4.85 14.57 -4.55
N LEU D 212 3.91 14.00 -5.30
CA LEU D 212 2.98 13.05 -4.69
C LEU D 212 3.71 11.81 -4.18
N GLN D 213 4.69 11.32 -4.94
CA GLN D 213 5.44 10.14 -4.52
C GLN D 213 6.27 10.44 -3.28
N ASP D 214 6.85 11.64 -3.19
CA ASP D 214 7.64 11.99 -2.01
C ASP D 214 6.77 12.14 -0.77
N LEU D 215 5.52 12.59 -0.92
CA LEU D 215 4.63 12.64 0.24
C LEU D 215 4.11 11.25 0.59
N GLU D 216 4.02 10.36 -0.39
CA GLU D 216 3.63 8.98 -0.08
C GLU D 216 4.70 8.27 0.72
N LYS D 217 5.97 8.53 0.43
CA LYS D 217 7.03 7.89 1.20
C LYS D 217 7.17 8.48 2.59
N LEU D 218 6.98 9.80 2.74
CA LEU D 218 7.14 10.40 4.06
C LEU D 218 5.97 10.07 4.96
N SER D 219 4.79 9.84 4.41
CA SER D 219 3.61 9.59 5.22
C SER D 219 3.29 8.11 5.33
N GLY D 220 3.75 7.30 4.38
CA GLY D 220 3.40 5.90 4.35
C GLY D 220 2.01 5.61 3.81
N LEU D 221 1.42 6.55 3.08
CA LEU D 221 0.08 6.45 2.54
C LEU D 221 0.12 6.42 1.03
N VAL D 222 -0.96 5.94 0.42
CA VAL D 222 -1.16 5.99 -1.02
C VAL D 222 -2.49 6.70 -1.21
N PHE D 223 -2.43 7.96 -1.65
CA PHE D 223 -3.63 8.77 -1.82
C PHE D 223 -4.30 8.47 -3.15
N PHE D 224 -5.63 8.38 -3.13
CA PHE D 224 -6.47 8.16 -4.31
C PHE D 224 -5.96 6.97 -5.12
N PRO D 225 -6.06 5.74 -4.60
CA PRO D 225 -5.51 4.60 -5.35
C PRO D 225 -6.29 4.31 -6.62
N HIS D 226 -7.60 4.56 -6.63
CA HIS D 226 -8.41 4.30 -7.81
C HIS D 226 -8.03 5.21 -8.98
N LEU D 227 -7.41 6.35 -8.71
CA LEU D 227 -7.02 7.28 -9.76
C LEU D 227 -5.84 6.73 -10.56
N ASP D 228 -5.97 6.76 -11.89
CA ASP D 228 -4.91 6.25 -12.76
C ASP D 228 -3.70 7.18 -12.75
N ARG D 229 -2.53 6.63 -12.45
CA ARG D 229 -1.30 7.40 -12.42
C ARG D 229 -0.87 7.90 -13.79
N THR D 230 -1.57 7.53 -14.87
CA THR D 230 -1.29 8.11 -16.17
C THR D 230 -1.50 9.63 -16.11
N SER D 231 -0.55 10.36 -16.68
CA SER D 231 -0.52 11.83 -16.54
C SER D 231 -0.32 12.47 -17.91
N ASP D 232 -1.37 12.99 -18.55
CA ASP D 232 -2.81 12.90 -18.23
C ASP D 232 -3.27 13.41 -16.85
N ILE D 233 -2.42 14.18 -16.18
CA ILE D 233 -2.72 14.72 -14.85
C ILE D 233 -1.96 16.02 -14.70
N ARG D 234 -2.66 17.07 -14.27
CA ARG D 234 -2.10 18.41 -14.27
C ARG D 234 -1.78 18.87 -12.85
N ASN D 235 -0.70 19.63 -12.72
CA ASN D 235 -0.37 20.25 -11.45
C ASN D 235 -1.41 21.31 -11.11
N ILE D 236 -1.86 21.32 -9.85
CA ILE D 236 -2.86 22.30 -9.44
C ILE D 236 -2.34 23.72 -9.55
N CYS D 237 -1.03 23.93 -9.43
CA CYS D 237 -0.49 25.27 -9.47
C CYS D 237 -0.18 25.76 -10.89
N SER D 238 -0.12 24.85 -11.87
CA SER D 238 0.00 25.25 -13.26
C SER D 238 -1.33 25.54 -13.91
N VAL D 239 -2.41 24.90 -13.44
CA VAL D 239 -3.76 25.13 -13.96
C VAL D 239 -4.39 26.29 -13.20
N ASP D 240 -4.55 26.13 -11.90
CA ASP D 240 -5.10 27.19 -11.07
C ASP D 240 -3.97 28.09 -10.60
N THR D 241 -4.16 28.80 -9.49
CA THR D 241 -3.26 29.85 -9.06
C THR D 241 -2.32 29.43 -7.93
N CYS D 242 -2.80 28.63 -6.97
CA CYS D 242 -2.07 28.33 -5.73
C CYS D 242 -1.65 29.61 -5.01
N LYS D 243 -2.48 30.64 -5.09
CA LYS D 243 -2.21 31.94 -4.50
C LYS D 243 -3.13 32.16 -3.31
N LEU D 244 -2.54 32.40 -2.14
CA LEU D 244 -3.29 32.66 -0.92
C LEU D 244 -3.55 34.15 -0.77
N LEU D 245 -4.54 34.47 0.06
CA LEU D 245 -4.90 35.87 0.29
C LEU D 245 -3.77 36.60 1.00
N ASP D 246 -3.28 37.68 0.38
CA ASP D 246 -2.20 38.45 0.98
C ASP D 246 -2.71 39.26 2.15
N PHE D 247 -1.81 40.06 2.74
CA PHE D 247 -2.15 40.82 3.94
C PHE D 247 -3.34 41.74 3.70
N GLN D 248 -3.49 42.26 2.48
CA GLN D 248 -4.60 43.16 2.16
C GLN D 248 -5.93 42.42 2.18
N GLU D 249 -6.04 41.37 1.36
CA GLU D 249 -7.30 40.64 1.27
C GLU D 249 -7.63 39.90 2.56
N PHE D 250 -6.61 39.44 3.28
CA PHE D 250 -6.85 38.68 4.51
C PHE D 250 -7.43 39.58 5.61
N THR D 251 -6.90 40.79 5.74
CA THR D 251 -7.44 41.72 6.74
C THR D 251 -8.84 42.20 6.37
N LEU D 252 -9.10 42.38 5.07
CA LEU D 252 -10.46 42.72 4.65
C LEU D 252 -11.42 41.57 4.90
N TYR D 253 -10.95 40.34 4.72
CA TYR D 253 -11.82 39.18 4.95
C TYR D 253 -12.18 39.04 6.42
N LEU D 254 -11.20 39.24 7.32
CA LEU D 254 -11.48 39.19 8.75
C LEU D 254 -12.41 40.32 9.16
N SER D 255 -12.20 41.51 8.60
CA SER D 255 -13.06 42.64 8.94
C SER D 255 -14.49 42.40 8.47
N THR D 256 -14.66 41.85 7.27
CA THR D 256 -15.99 41.57 6.76
C THR D 256 -16.71 40.53 7.61
N ARG D 257 -16.02 39.45 7.97
CA ARG D 257 -16.62 38.38 8.76
C ARG D 257 -16.85 38.77 10.22
N LYS D 258 -16.32 39.92 10.66
CA LYS D 258 -16.42 40.35 12.05
C LYS D 258 -17.45 41.44 12.30
N ILE D 259 -17.87 42.18 11.27
CA ILE D 259 -18.79 43.29 11.48
C ILE D 259 -20.16 42.78 11.89
N GLU D 260 -20.69 41.79 11.17
CA GLU D 260 -22.02 41.29 11.49
C GLU D 260 -22.05 40.53 12.81
N GLY D 261 -20.92 39.97 13.23
CA GLY D 261 -20.87 39.18 14.44
C GLY D 261 -20.57 39.99 15.68
N ALA D 262 -19.92 41.14 15.52
CA ALA D 262 -19.53 41.95 16.67
C ALA D 262 -20.72 42.65 17.28
N ARG D 263 -21.35 43.56 16.52
CA ARG D 263 -22.46 44.38 17.01
C ARG D 263 -22.05 45.18 18.26
N SER D 264 -20.84 45.73 18.23
CA SER D 264 -20.29 46.50 19.34
C SER D 264 -20.50 48.00 19.08
N VAL D 265 -20.51 48.77 20.17
CA VAL D 265 -20.71 50.21 20.06
C VAL D 265 -19.49 50.87 19.45
N LEU D 266 -18.29 50.37 19.76
CA LEU D 266 -17.04 50.92 19.25
C LEU D 266 -16.66 50.32 17.89
N ARG D 267 -17.63 50.20 16.98
CA ARG D 267 -17.33 49.68 15.65
C ARG D 267 -16.50 50.65 14.83
N LEU D 268 -16.47 51.93 15.20
CA LEU D 268 -15.63 52.89 14.48
C LEU D 268 -14.15 52.58 14.66
N GLU D 269 -13.77 52.03 15.82
CA GLU D 269 -12.38 51.65 16.03
C GLU D 269 -11.96 50.54 15.07
N LYS D 270 -12.84 49.58 14.82
CA LYS D 270 -12.56 48.55 13.83
C LYS D 270 -12.54 49.12 12.42
N ILE D 271 -13.31 50.18 12.17
CA ILE D 271 -13.31 50.81 10.86
C ILE D 271 -12.13 51.78 10.72
N MET D 272 -11.78 52.47 11.81
CA MET D 272 -10.64 53.38 11.75
C MET D 272 -9.33 52.62 11.62
N GLU D 273 -9.24 51.44 12.26
CA GLU D 273 -8.05 50.62 12.12
C GLU D 273 -7.92 50.04 10.72
N ASN D 274 -9.06 49.76 10.07
CA ASN D 274 -9.01 49.22 8.71
C ASN D 274 -8.71 50.31 7.68
N LEU D 275 -9.30 51.50 7.84
CA LEU D 275 -9.04 52.58 6.91
C LEU D 275 -7.62 53.12 7.06
N LYS D 276 -7.02 52.96 8.25
CA LYS D 276 -5.65 53.43 8.46
C LYS D 276 -4.65 52.54 7.74
N ASN D 277 -4.96 51.26 7.56
CA ASN D 277 -4.07 50.31 6.89
C ASN D 277 -4.54 50.01 5.47
N ALA D 278 -5.76 49.50 5.31
CA ALA D 278 -6.29 49.12 4.02
C ALA D 278 -7.22 50.21 3.49
N GLU D 279 -7.72 50.01 2.28
CA GLU D 279 -8.64 50.94 1.63
C GLU D 279 -10.09 50.71 2.01
N ILE D 280 -10.41 49.56 2.62
CA ILE D 280 -11.75 49.17 3.08
C ILE D 280 -12.82 49.56 2.07
N GLU D 281 -12.50 49.42 0.79
CA GLU D 281 -13.42 49.82 -0.28
C GLU D 281 -14.51 48.80 -0.53
N PRO D 282 -14.19 47.52 -0.79
CA PRO D 282 -15.25 46.58 -1.19
C PRO D 282 -16.16 46.20 -0.03
N ASP D 283 -17.41 45.90 -0.37
CA ASP D 283 -18.42 45.44 0.59
C ASP D 283 -18.59 46.44 1.74
N ASP D 284 -18.72 47.71 1.38
CA ASP D 284 -18.99 48.74 2.37
C ASP D 284 -20.47 48.85 2.71
N TYR D 285 -21.34 48.17 1.95
CA TYR D 285 -22.77 48.22 2.24
C TYR D 285 -23.09 47.46 3.52
N PHE D 286 -22.42 46.32 3.75
CA PHE D 286 -22.60 45.59 5.00
C PHE D 286 -22.07 46.37 6.19
N MET D 287 -21.15 47.32 5.97
CA MET D 287 -20.69 48.19 7.05
C MET D 287 -21.80 49.13 7.50
N SER D 288 -22.53 49.73 6.56
CA SER D 288 -23.59 50.67 6.90
C SER D 288 -24.88 49.95 7.27
N ARG D 289 -25.15 48.79 6.68
CA ARG D 289 -26.36 48.05 7.01
C ARG D 289 -26.33 47.55 8.46
N TYR D 290 -25.19 47.04 8.90
CA TYR D 290 -25.06 46.58 10.28
C TYR D 290 -24.95 47.74 11.26
N GLU D 291 -24.61 48.93 10.77
CA GLU D 291 -24.52 50.10 11.65
C GLU D 291 -25.90 50.50 12.17
N LYS D 292 -26.88 50.60 11.27
CA LYS D 292 -28.23 50.93 11.69
C LYS D 292 -28.86 49.85 12.56
N LYS D 293 -28.33 48.62 12.49
CA LYS D 293 -28.84 47.53 13.31
C LYS D 293 -28.47 47.71 14.78
O5' 3DR E 1 -21.63 34.34 6.64
P 3DR E 1 -22.92 35.37 6.57
OP1 3DR E 1 -23.35 35.71 7.98
OP2 3DR E 1 -22.52 36.63 5.84
C2' 3DR E 1 -17.57 34.10 6.07
C5' 3DR E 1 -21.03 33.96 5.43
C4' 3DR E 1 -19.80 33.09 5.74
O4' 3DR E 1 -19.11 32.97 4.69
C1' 3DR E 1 -17.56 33.18 5.11
C3' 3DR E 1 -18.84 33.83 6.80
O3' 3DR E 1 -18.70 33.23 8.05
N VAL G 4 -22.42 -25.94 8.74
CA VAL G 4 -21.43 -24.94 9.09
C VAL G 4 -20.42 -25.54 10.07
N LEU G 5 -20.73 -26.73 10.58
CA LEU G 5 -19.75 -27.48 11.36
C LEU G 5 -18.52 -27.82 10.55
N GLU G 6 -18.64 -27.88 9.23
CA GLU G 6 -17.54 -28.20 8.33
C GLU G 6 -16.88 -26.96 7.73
N GLN G 7 -16.86 -25.86 8.48
CA GLN G 7 -15.99 -24.73 8.12
C GLN G 7 -14.54 -24.96 8.53
N PHE G 8 -14.19 -26.23 8.77
CA PHE G 8 -12.80 -26.63 9.00
C PHE G 8 -11.89 -26.25 7.84
N GLY G 9 -12.46 -26.03 6.65
CA GLY G 9 -11.68 -25.65 5.49
C GLY G 9 -12.44 -25.89 4.20
N PHE G 10 -12.47 -24.89 3.31
CA PHE G 10 -13.12 -25.03 2.03
C PHE G 10 -12.10 -25.19 0.91
N PRO G 11 -12.39 -26.03 -0.09
CA PRO G 11 -11.46 -26.19 -1.20
C PRO G 11 -11.28 -24.90 -2.00
N LEU G 12 -10.09 -24.33 -1.93
CA LEU G 12 -9.81 -23.07 -2.60
C LEU G 12 -9.64 -23.30 -4.10
N THR G 13 -10.52 -22.72 -4.91
CA THR G 13 -10.42 -22.87 -6.35
C THR G 13 -9.28 -22.04 -6.93
N GLY G 14 -8.81 -21.02 -6.22
CA GLY G 14 -7.77 -20.15 -6.70
C GLY G 14 -8.16 -19.23 -7.83
N THR G 15 -9.44 -19.23 -8.24
CA THR G 15 -9.87 -18.44 -9.38
C THR G 15 -10.28 -17.04 -8.95
N GLU G 16 -9.66 -16.56 -7.87
CA GLU G 16 -9.92 -15.22 -7.39
C GLU G 16 -9.38 -14.19 -8.37
N ALA G 17 -10.00 -13.01 -8.37
CA ALA G 17 -9.62 -11.92 -9.27
C ALA G 17 -8.56 -11.06 -8.59
N ARG G 18 -7.32 -11.21 -9.02
CA ARG G 18 -6.21 -10.40 -8.52
C ARG G 18 -5.93 -9.27 -9.50
N CYS G 19 -5.94 -8.04 -8.98
CA CYS G 19 -5.80 -6.84 -9.80
C CYS G 19 -4.40 -6.27 -9.68
N TYR G 20 -3.81 -5.90 -10.81
CA TYR G 20 -2.48 -5.33 -10.88
C TYR G 20 -2.59 -3.84 -11.20
N THR G 21 -1.49 -3.24 -11.66
CA THR G 21 -1.46 -1.80 -11.90
C THR G 21 -2.41 -1.40 -13.03
N ASN G 22 -2.30 -2.06 -14.19
CA ASN G 22 -3.10 -1.70 -15.35
C ASN G 22 -3.99 -2.84 -15.85
N HIS G 23 -3.94 -4.01 -15.23
CA HIS G 23 -4.74 -5.13 -15.67
C HIS G 23 -5.10 -6.02 -14.50
N ALA G 24 -6.20 -6.76 -14.66
CA ALA G 24 -6.66 -7.73 -13.67
C ALA G 24 -6.82 -9.08 -14.34
N LEU G 25 -6.68 -10.15 -13.55
CA LEU G 25 -6.77 -11.49 -14.09
C LEU G 25 -7.27 -12.45 -13.03
N SER G 26 -7.98 -13.49 -13.48
CA SER G 26 -8.39 -14.60 -12.64
C SER G 26 -7.60 -15.82 -13.06
N TYR G 27 -6.75 -16.33 -12.16
CA TYR G 27 -5.84 -17.43 -12.48
C TYR G 27 -6.53 -18.77 -12.23
N ASP G 28 -6.64 -19.57 -13.29
CA ASP G 28 -7.19 -20.92 -13.18
C ASP G 28 -6.04 -21.85 -12.83
N GLN G 29 -5.96 -22.25 -11.56
CA GLN G 29 -4.84 -23.06 -11.10
C GLN G 29 -4.85 -24.46 -11.69
N ALA G 30 -5.98 -24.92 -12.20
CA ALA G 30 -6.05 -26.26 -12.77
C ALA G 30 -5.36 -26.35 -14.12
N LYS G 31 -5.38 -25.27 -14.91
CA LYS G 31 -4.80 -25.26 -16.24
C LYS G 31 -3.51 -24.43 -16.34
N ARG G 32 -3.06 -23.86 -15.22
CA ARG G 32 -1.86 -23.02 -15.17
C ARG G 32 -1.95 -21.80 -16.08
N VAL G 33 -3.16 -21.39 -16.44
CA VAL G 33 -3.35 -20.23 -17.30
C VAL G 33 -4.44 -19.36 -16.69
N PRO G 34 -4.45 -18.06 -17.02
CA PRO G 34 -5.50 -17.19 -16.50
C PRO G 34 -6.85 -17.48 -17.15
N ARG G 35 -7.90 -17.42 -16.34
CA ARG G 35 -9.25 -17.62 -16.87
C ARG G 35 -9.66 -16.46 -17.76
N TRP G 36 -9.35 -15.24 -17.33
CA TRP G 36 -9.61 -14.05 -18.12
C TRP G 36 -8.62 -12.98 -17.72
N VAL G 37 -8.36 -12.06 -18.64
CA VAL G 37 -7.47 -10.93 -18.40
C VAL G 37 -8.17 -9.67 -18.90
N LEU G 38 -8.40 -8.71 -18.00
CA LEU G 38 -9.02 -7.44 -18.35
C LEU G 38 -7.99 -6.33 -18.31
N GLU G 39 -8.13 -5.37 -19.23
CA GLU G 39 -7.19 -4.25 -19.31
C GLU G 39 -7.90 -3.04 -19.90
N HIS G 40 -7.38 -1.86 -19.57
CA HIS G 40 -7.93 -0.59 -20.04
C HIS G 40 -6.85 0.15 -20.82
N ILE G 41 -7.20 0.61 -22.03
CA ILE G 41 -6.27 1.30 -22.90
C ILE G 41 -6.92 2.60 -23.39
N SER G 42 -6.05 3.55 -23.74
CA SER G 42 -6.47 4.85 -24.25
C SER G 42 -5.29 5.46 -24.99
N LYS G 43 -5.43 6.71 -25.41
CA LYS G 43 -4.35 7.41 -26.08
C LYS G 43 -3.20 7.73 -25.11
N SER G 44 -3.45 7.70 -23.80
CA SER G 44 -2.41 7.97 -22.83
C SER G 44 -1.59 6.74 -22.48
N LYS G 45 -2.21 5.55 -22.46
CA LYS G 45 -1.48 4.34 -22.12
C LYS G 45 -0.57 3.88 -23.25
N ILE G 46 -1.02 4.00 -24.50
CA ILE G 46 -0.25 3.51 -25.63
C ILE G 46 0.91 4.40 -26.00
N MET G 47 1.07 5.55 -25.34
CA MET G 47 2.16 6.46 -25.60
C MET G 47 2.91 6.76 -24.31
N GLY G 48 4.23 6.76 -24.40
CA GLY G 48 5.05 7.02 -23.23
C GLY G 48 6.43 6.43 -23.42
N ASP G 49 7.15 6.32 -22.30
CA ASP G 49 8.51 5.80 -22.26
C ASP G 49 8.49 4.46 -21.54
N ALA G 50 8.53 3.37 -22.30
CA ALA G 50 8.53 2.03 -21.73
C ALA G 50 8.98 1.05 -22.80
N ASP G 51 10.11 0.39 -22.58
CA ASP G 51 10.66 -0.59 -23.50
C ASP G 51 10.48 -2.00 -22.95
N ARG G 52 10.26 -2.94 -23.87
CA ARG G 52 10.07 -4.34 -23.51
C ARG G 52 11.36 -5.14 -23.52
N LYS G 53 12.48 -4.53 -23.95
CA LYS G 53 13.76 -5.23 -23.96
C LYS G 53 14.36 -5.38 -22.57
N HIS G 54 13.80 -4.73 -21.56
CA HIS G 54 14.28 -4.85 -20.19
C HIS G 54 13.58 -5.94 -19.40
N CYS G 55 12.37 -6.34 -19.81
CA CYS G 55 11.58 -7.31 -19.08
C CYS G 55 11.87 -8.73 -19.56
N LYS G 56 11.61 -9.69 -18.69
CA LYS G 56 11.75 -11.10 -19.01
C LYS G 56 10.69 -11.88 -18.24
N PHE G 57 10.21 -12.96 -18.85
CA PHE G 57 9.12 -13.74 -18.26
C PHE G 57 9.54 -14.34 -16.92
N LYS G 58 8.75 -14.06 -15.89
CA LYS G 58 8.98 -14.59 -14.55
C LYS G 58 7.67 -15.10 -13.97
N PRO G 59 7.74 -16.08 -13.07
CA PRO G 59 6.53 -16.52 -12.37
C PRO G 59 5.95 -15.39 -11.53
N ASP G 60 4.64 -15.45 -11.34
CA ASP G 60 3.97 -14.41 -10.57
C ASP G 60 4.33 -14.53 -9.09
N PRO G 61 4.82 -13.46 -8.46
CA PRO G 61 5.18 -13.55 -7.04
C PRO G 61 4.00 -13.73 -6.11
N ASN G 62 2.79 -13.38 -6.55
CA ASN G 62 1.60 -13.51 -5.73
C ASN G 62 0.90 -14.85 -5.89
N ILE G 63 1.52 -15.79 -6.61
CA ILE G 63 0.96 -17.11 -6.84
C ILE G 63 1.89 -18.13 -6.19
N PRO G 64 1.38 -19.10 -5.44
CA PRO G 64 2.23 -20.17 -4.93
C PRO G 64 2.85 -20.96 -6.08
N PRO G 65 4.10 -21.40 -5.93
CA PRO G 65 4.76 -22.12 -7.03
C PRO G 65 4.10 -23.44 -7.39
N THR G 66 3.25 -23.98 -6.51
CA THR G 66 2.58 -25.25 -6.81
C THR G 66 1.65 -25.11 -8.02
N PHE G 67 0.99 -23.96 -8.15
CA PHE G 67 0.08 -23.72 -9.26
C PHE G 67 0.61 -22.74 -10.28
N SER G 68 1.74 -22.09 -10.02
CA SER G 68 2.29 -21.11 -10.95
C SER G 68 3.07 -21.80 -12.05
N ALA G 69 2.92 -21.28 -13.28
CA ALA G 69 3.70 -21.77 -14.40
C ALA G 69 5.11 -21.19 -14.37
N PHE G 70 6.05 -21.90 -14.99
CA PHE G 70 7.45 -21.52 -15.01
C PHE G 70 7.89 -21.28 -16.45
N ASN G 71 9.19 -20.98 -16.62
CA ASN G 71 9.70 -20.72 -17.96
C ASN G 71 10.06 -22.01 -18.68
N GLU G 72 10.50 -23.03 -17.95
CA GLU G 72 10.83 -24.32 -18.55
C GLU G 72 9.63 -25.00 -19.18
N ASP G 73 8.42 -24.48 -18.95
CA ASP G 73 7.22 -25.06 -19.55
C ASP G 73 7.02 -24.65 -21.00
N TYR G 74 7.64 -23.55 -21.43
CA TYR G 74 7.48 -23.05 -22.79
C TYR G 74 8.76 -23.05 -23.60
N VAL G 75 9.93 -23.22 -22.97
CA VAL G 75 11.20 -23.03 -23.68
C VAL G 75 11.34 -24.04 -24.82
N GLY G 76 11.30 -25.32 -24.49
CA GLY G 76 11.45 -26.37 -25.48
C GLY G 76 10.16 -26.96 -26.00
N SER G 77 9.01 -26.33 -25.73
CA SER G 77 7.73 -26.91 -26.09
C SER G 77 7.37 -26.70 -27.56
N GLY G 78 8.10 -25.87 -28.29
CA GLY G 78 7.69 -25.49 -29.62
C GLY G 78 6.55 -24.49 -29.66
N TRP G 79 6.01 -24.10 -28.51
CA TRP G 79 4.97 -23.09 -28.41
C TRP G 79 5.56 -21.82 -27.82
N SER G 80 5.03 -20.69 -28.26
CA SER G 80 5.51 -19.39 -27.79
C SER G 80 4.77 -18.97 -26.53
N ARG G 81 5.37 -18.02 -25.82
CA ARG G 81 4.77 -17.44 -24.61
C ARG G 81 3.85 -16.30 -25.03
N GLY G 82 2.56 -16.59 -25.15
CA GLY G 82 1.58 -15.60 -25.57
C GLY G 82 1.02 -14.84 -24.39
N ALA G 83 1.05 -13.52 -24.48
CA ALA G 83 0.55 -12.64 -23.43
C ALA G 83 -0.85 -12.16 -23.79
N MET G 84 -1.79 -12.33 -22.86
CA MET G 84 -3.15 -11.84 -23.09
C MET G 84 -3.23 -10.33 -22.91
N ALA G 85 -2.52 -9.79 -21.92
CA ALA G 85 -2.39 -8.35 -21.76
C ALA G 85 -1.08 -7.91 -22.43
N PRO G 86 -1.14 -7.31 -23.62
CA PRO G 86 0.09 -6.99 -24.33
C PRO G 86 0.90 -5.90 -23.64
N ALA G 87 2.21 -5.89 -23.94
CA ALA G 87 3.09 -4.86 -23.39
C ALA G 87 2.96 -3.54 -24.12
N GLY G 88 2.58 -3.57 -25.41
CA GLY G 88 2.41 -2.35 -26.17
C GLY G 88 1.29 -1.46 -25.68
N ASN G 89 0.45 -1.95 -24.76
CA ASN G 89 -0.62 -1.16 -24.18
C ASN G 89 -0.24 -0.56 -22.83
N ASN G 90 1.00 -0.73 -22.39
CA ASN G 90 1.49 -0.21 -21.13
C ASN G 90 2.74 0.65 -21.37
N LYS G 91 2.67 1.52 -22.36
CA LYS G 91 3.80 2.37 -22.70
C LYS G 91 4.03 3.50 -21.71
N PHE G 92 3.05 3.80 -20.85
CA PHE G 92 3.17 4.93 -19.95
C PHE G 92 4.03 4.62 -18.72
N SER G 93 3.98 3.38 -18.23
CA SER G 93 4.71 2.98 -17.04
C SER G 93 5.33 1.62 -17.25
N SER G 94 6.62 1.49 -16.91
CA SER G 94 7.28 0.19 -16.99
C SER G 94 6.79 -0.79 -15.94
N LYS G 95 6.21 -0.29 -14.84
CA LYS G 95 5.66 -1.18 -13.82
C LYS G 95 4.46 -1.95 -14.35
N ALA G 96 3.55 -1.27 -15.04
CA ALA G 96 2.41 -1.93 -15.64
C ALA G 96 2.83 -2.88 -16.74
N MET G 97 3.99 -2.67 -17.36
CA MET G 97 4.44 -3.56 -18.42
C MET G 97 5.11 -4.81 -17.85
N ALA G 98 5.93 -4.65 -16.81
CA ALA G 98 6.59 -5.80 -16.20
C ALA G 98 5.59 -6.76 -15.58
N GLU G 99 4.47 -6.24 -15.08
CA GLU G 99 3.44 -7.11 -14.52
C GLU G 99 2.71 -7.90 -15.60
N THR G 100 2.67 -7.37 -16.83
CA THR G 100 2.09 -8.12 -17.94
C THR G 100 2.99 -9.27 -18.39
N PHE G 101 4.27 -9.24 -18.01
CA PHE G 101 5.19 -10.31 -18.34
C PHE G 101 5.18 -11.44 -17.31
N TYR G 102 4.39 -11.31 -16.23
CA TYR G 102 4.24 -12.42 -15.30
C TYR G 102 3.63 -13.62 -16.00
N LEU G 103 4.11 -14.81 -15.65
CA LEU G 103 3.60 -16.02 -16.27
C LEU G 103 2.14 -16.29 -15.93
N SER G 104 1.59 -15.60 -14.93
CA SER G 104 0.16 -15.67 -14.67
C SER G 104 -0.65 -15.04 -15.79
N ASN G 105 -0.02 -14.18 -16.60
CA ASN G 105 -0.65 -13.57 -17.75
C ASN G 105 -0.33 -14.31 -19.04
N ILE G 106 0.56 -15.29 -19.00
CA ILE G 106 1.07 -15.94 -20.20
C ILE G 106 0.31 -17.24 -20.42
N VAL G 107 -0.15 -17.46 -21.66
CA VAL G 107 -0.77 -18.73 -22.07
C VAL G 107 0.04 -19.28 -23.22
N PRO G 108 0.06 -20.60 -23.43
CA PRO G 108 0.73 -21.17 -24.62
C PRO G 108 0.01 -20.72 -25.88
N GLN G 109 0.75 -20.06 -26.78
CA GLN G 109 0.18 -19.55 -28.01
C GLN G 109 1.07 -19.95 -29.18
N ASP G 110 0.44 -20.22 -30.32
CA ASP G 110 1.16 -20.61 -31.52
C ASP G 110 2.13 -19.51 -31.94
N PHE G 111 3.26 -19.92 -32.51
CA PHE G 111 4.29 -18.97 -32.92
C PHE G 111 3.79 -18.06 -34.03
N ASP G 112 3.07 -18.62 -34.99
CA ASP G 112 2.53 -17.84 -36.11
C ASP G 112 1.22 -17.14 -35.78
N ASN G 113 0.67 -17.37 -34.58
CA ASN G 113 -0.59 -16.74 -34.18
C ASN G 113 -0.34 -15.39 -33.50
N ASN G 114 0.47 -15.39 -32.44
CA ASN G 114 0.73 -14.16 -31.70
C ASN G 114 1.44 -13.13 -32.56
N SER G 115 2.49 -13.54 -33.28
CA SER G 115 3.23 -12.58 -34.08
C SER G 115 2.64 -12.47 -35.48
N GLY G 116 1.33 -12.65 -35.57
CA GLY G 116 0.68 -12.63 -36.86
C GLY G 116 -0.72 -12.07 -36.79
N TYR G 117 -1.72 -12.95 -36.74
CA TYR G 117 -3.11 -12.48 -36.75
C TYR G 117 -3.50 -11.91 -35.40
N TRP G 118 -3.05 -12.55 -34.31
CA TRP G 118 -3.35 -12.04 -32.98
C TRP G 118 -2.63 -10.72 -32.71
N ASN G 119 -1.49 -10.50 -33.36
CA ASN G 119 -0.81 -9.22 -33.22
C ASN G 119 -1.55 -8.11 -33.97
N ARG G 120 -2.19 -8.44 -35.09
CA ARG G 120 -2.96 -7.45 -35.83
C ARG G 120 -4.18 -7.00 -35.04
N ILE G 121 -4.80 -7.91 -34.30
CA ILE G 121 -5.95 -7.54 -33.48
C ILE G 121 -5.51 -6.67 -32.32
N GLU G 122 -4.34 -6.95 -31.75
CA GLU G 122 -3.81 -6.10 -30.69
C GLU G 122 -3.46 -4.72 -31.20
N MET G 123 -2.99 -4.61 -32.45
CA MET G 123 -2.76 -3.31 -33.05
C MET G 123 -4.06 -2.60 -33.35
N TYR G 124 -5.10 -3.34 -33.76
CA TYR G 124 -6.40 -2.73 -33.99
C TYR G 124 -7.01 -2.20 -32.70
N CYS G 125 -6.71 -2.85 -31.57
CA CYS G 125 -7.20 -2.35 -30.28
C CYS G 125 -6.59 -1.00 -29.95
N ARG G 126 -5.29 -0.83 -30.24
CA ARG G 126 -4.65 0.47 -30.06
C ARG G 126 -5.08 1.48 -31.11
N GLU G 127 -5.60 1.01 -32.25
CA GLU G 127 -6.13 1.92 -33.26
C GLU G 127 -7.49 2.49 -32.86
N LEU G 128 -8.27 1.74 -32.08
CA LEU G 128 -9.56 2.24 -31.62
C LEU G 128 -9.41 3.44 -30.69
N THR G 129 -8.25 3.60 -30.05
CA THR G 129 -8.06 4.72 -29.14
C THR G 129 -8.07 6.05 -29.88
N GLU G 130 -7.74 6.02 -31.17
CA GLU G 130 -7.73 7.26 -31.95
C GLU G 130 -9.13 7.74 -32.26
N ARG G 131 -10.13 6.86 -32.20
CA ARG G 131 -11.53 7.22 -32.42
C ARG G 131 -12.39 7.13 -31.16
N PHE G 132 -12.16 6.12 -30.33
CA PHE G 132 -12.85 5.98 -29.06
C PHE G 132 -11.90 6.37 -27.94
N GLU G 133 -12.41 7.15 -26.97
CA GLU G 133 -11.55 7.61 -25.88
C GLU G 133 -11.19 6.46 -24.93
N ASP G 134 -12.14 5.60 -24.62
CA ASP G 134 -11.95 4.51 -23.68
C ASP G 134 -12.22 3.18 -24.38
N VAL G 135 -11.33 2.21 -24.17
CA VAL G 135 -11.46 0.88 -24.75
C VAL G 135 -11.14 -0.14 -23.67
N TRP G 136 -12.01 -1.14 -23.51
CA TRP G 136 -11.82 -2.23 -22.56
C TRP G 136 -11.70 -3.55 -23.32
N VAL G 137 -10.73 -4.37 -22.94
CA VAL G 137 -10.42 -5.62 -23.62
C VAL G 137 -10.37 -6.74 -22.60
N VAL G 138 -11.11 -7.82 -22.86
CA VAL G 138 -11.06 -9.03 -22.06
C VAL G 138 -10.58 -10.16 -22.96
N SER G 139 -9.49 -10.81 -22.55
CA SER G 139 -8.90 -11.89 -23.32
C SER G 139 -8.71 -13.12 -22.44
N GLY G 140 -8.48 -14.26 -23.09
CA GLY G 140 -8.27 -15.50 -22.40
C GLY G 140 -8.32 -16.70 -23.32
N PRO G 141 -8.05 -17.89 -22.79
CA PRO G 141 -8.06 -19.11 -23.59
C PRO G 141 -9.44 -19.77 -23.63
N LEU G 142 -9.55 -20.78 -24.48
CA LEU G 142 -10.77 -21.55 -24.64
C LEU G 142 -10.43 -22.98 -25.04
N THR G 143 -11.11 -23.94 -24.40
CA THR G 143 -10.98 -25.36 -24.74
C THR G 143 -12.32 -25.79 -25.33
N LEU G 144 -12.50 -25.51 -26.62
CA LEU G 144 -13.78 -25.73 -27.27
C LEU G 144 -13.93 -27.17 -27.75
N PRO G 145 -15.15 -27.69 -27.78
CA PRO G 145 -15.36 -29.06 -28.28
C PRO G 145 -15.48 -29.10 -29.79
N GLN G 146 -14.99 -30.20 -30.35
CA GLN G 146 -15.12 -30.49 -31.77
C GLN G 146 -16.04 -31.69 -31.96
N THR G 147 -17.04 -31.54 -32.81
CA THR G 147 -18.01 -32.61 -33.05
C THR G 147 -17.35 -33.73 -33.84
N ARG G 148 -17.11 -34.87 -33.18
CA ARG G 148 -16.49 -36.02 -33.82
C ARG G 148 -17.50 -36.74 -34.70
N GLY G 149 -17.05 -37.82 -35.33
CA GLY G 149 -17.92 -38.58 -36.21
C GLY G 149 -18.99 -39.34 -35.45
N ASP G 150 -20.00 -39.78 -36.19
CA ASP G 150 -21.12 -40.57 -35.65
C ASP G 150 -21.88 -39.82 -34.56
N GLY G 151 -21.88 -38.49 -34.64
CA GLY G 151 -22.62 -37.69 -33.68
C GLY G 151 -21.99 -37.58 -32.31
N LYS G 152 -20.66 -37.66 -32.22
CA LYS G 152 -19.95 -37.55 -30.96
C LYS G 152 -19.32 -36.16 -30.82
N LYS G 153 -19.01 -35.80 -29.58
CA LYS G 153 -18.40 -34.52 -29.25
C LYS G 153 -17.26 -34.75 -28.28
N ILE G 154 -16.04 -34.41 -28.68
CA ILE G 154 -14.84 -34.63 -27.89
C ILE G 154 -14.09 -33.31 -27.75
N VAL G 155 -13.57 -33.07 -26.55
CA VAL G 155 -12.71 -31.90 -26.28
C VAL G 155 -11.28 -32.40 -26.14
N SER G 156 -10.36 -31.76 -26.84
CA SER G 156 -8.97 -32.17 -26.83
C SER G 156 -8.06 -30.94 -26.84
N TYR G 157 -7.19 -30.84 -25.83
CA TYR G 157 -6.21 -29.78 -25.77
C TYR G 157 -4.88 -30.34 -25.27
N GLN G 158 -3.79 -29.77 -25.77
CA GLN G 158 -2.47 -30.29 -25.49
C GLN G 158 -1.94 -29.79 -24.15
N VAL G 159 -1.17 -30.65 -23.48
CA VAL G 159 -0.55 -30.32 -22.20
C VAL G 159 0.95 -30.49 -22.36
N ILE G 160 1.71 -29.48 -21.93
CA ILE G 160 3.16 -29.46 -22.08
C ILE G 160 3.80 -28.97 -20.80
N GLY G 161 5.06 -29.36 -20.60
CA GLY G 161 5.83 -28.93 -19.45
C GLY G 161 5.58 -29.80 -18.22
N GLU G 162 6.40 -29.58 -17.21
CA GLU G 162 6.25 -30.31 -15.95
C GLU G 162 5.04 -29.83 -15.17
N ASP G 163 4.71 -28.54 -15.28
CA ASP G 163 3.54 -27.98 -14.61
C ASP G 163 2.25 -28.28 -15.34
N ASN G 164 2.31 -28.94 -16.50
CA ASN G 164 1.12 -29.33 -17.27
C ASN G 164 0.28 -28.11 -17.64
N VAL G 165 0.92 -27.18 -18.35
CA VAL G 165 0.24 -25.98 -18.84
C VAL G 165 -0.53 -26.34 -20.10
N ALA G 166 -1.83 -26.05 -20.10
CA ALA G 166 -2.69 -26.47 -21.20
C ALA G 166 -2.56 -25.51 -22.39
N VAL G 167 -2.63 -26.08 -23.58
CA VAL G 167 -2.59 -25.32 -24.82
C VAL G 167 -4.03 -25.14 -25.30
N PRO G 168 -4.53 -23.91 -25.40
CA PRO G 168 -5.94 -23.72 -25.79
C PRO G 168 -6.16 -24.05 -27.26
N SER G 169 -7.42 -24.37 -27.57
CA SER G 169 -7.81 -24.62 -28.95
C SER G 169 -8.13 -23.32 -29.68
N HIS G 170 -8.78 -22.39 -28.99
CA HIS G 170 -9.13 -21.10 -29.56
C HIS G 170 -8.81 -20.01 -28.55
N LEU G 171 -8.97 -18.75 -28.98
CA LEU G 171 -8.72 -17.60 -28.12
C LEU G 171 -9.85 -16.59 -28.32
N TYR G 172 -10.49 -16.19 -27.22
CA TYR G 172 -11.55 -15.20 -27.27
C TYR G 172 -11.01 -13.84 -26.87
N LYS G 173 -11.67 -12.80 -27.37
CA LYS G 173 -11.26 -11.43 -27.09
C LYS G 173 -12.51 -10.55 -27.15
N VAL G 174 -12.91 -9.99 -26.01
CA VAL G 174 -14.08 -9.13 -25.91
C VAL G 174 -13.62 -7.68 -25.94
N ILE G 175 -14.19 -6.90 -26.86
CA ILE G 175 -13.81 -5.51 -27.05
C ILE G 175 -15.05 -4.65 -26.78
N LEU G 176 -14.99 -3.86 -25.72
CA LEU G 176 -16.04 -2.91 -25.38
C LEU G 176 -15.46 -1.51 -25.49
N ALA G 177 -16.04 -0.69 -26.36
CA ALA G 177 -15.51 0.63 -26.65
C ALA G 177 -16.57 1.69 -26.38
N ARG G 178 -16.12 2.83 -25.86
CA ARG G 178 -16.98 3.99 -25.63
C ARG G 178 -16.35 5.20 -26.28
N ARG G 179 -17.20 6.00 -26.96
CA ARG G 179 -16.69 7.17 -27.67
C ARG G 179 -16.01 8.15 -26.72
N SER G 180 -16.75 8.58 -25.69
CA SER G 180 -16.16 9.40 -24.63
C SER G 180 -17.05 9.27 -23.40
N SER G 181 -16.46 9.61 -22.24
CA SER G 181 -17.20 9.51 -20.99
C SER G 181 -18.41 10.44 -20.94
N VAL G 182 -18.41 11.50 -21.74
CA VAL G 182 -19.49 12.47 -21.73
C VAL G 182 -20.13 12.52 -23.12
N SER G 183 -20.43 11.36 -23.69
CA SER G 183 -21.06 11.26 -25.01
C SER G 183 -22.41 10.59 -24.85
N THR G 184 -23.47 11.26 -25.29
CA THR G 184 -24.83 10.73 -25.21
C THR G 184 -25.07 9.81 -26.42
N GLU G 185 -24.44 8.64 -26.37
CA GLU G 185 -24.57 7.66 -27.43
C GLU G 185 -24.33 6.28 -26.85
N PRO G 186 -24.90 5.23 -27.46
CA PRO G 186 -24.66 3.88 -26.97
C PRO G 186 -23.20 3.46 -27.17
N LEU G 187 -22.85 2.34 -26.56
CA LEU G 187 -21.49 1.83 -26.58
C LEU G 187 -21.36 0.68 -27.58
N ALA G 188 -20.13 0.47 -28.03
CA ALA G 188 -19.83 -0.59 -28.99
C ALA G 188 -19.40 -1.85 -28.27
N LEU G 189 -20.02 -2.98 -28.62
CA LEU G 189 -19.73 -4.26 -27.99
C LEU G 189 -19.53 -5.33 -29.06
N GLY G 190 -18.45 -6.08 -28.94
CA GLY G 190 -18.17 -7.13 -29.91
C GLY G 190 -17.29 -8.24 -29.37
N ALA G 191 -17.73 -9.48 -29.53
CA ALA G 191 -16.99 -10.65 -29.06
C ALA G 191 -16.47 -11.44 -30.24
N PHE G 192 -15.22 -11.90 -30.13
CA PHE G 192 -14.55 -12.63 -31.19
C PHE G 192 -13.88 -13.87 -30.63
N VAL G 193 -13.80 -14.92 -31.45
CA VAL G 193 -13.13 -16.16 -31.09
C VAL G 193 -12.27 -16.59 -32.27
N VAL G 194 -10.95 -16.62 -32.06
CA VAL G 194 -10.01 -17.00 -33.11
C VAL G 194 -9.28 -18.27 -32.71
N PRO G 195 -8.91 -19.13 -33.65
CA PRO G 195 -8.17 -20.35 -33.29
C PRO G 195 -6.70 -20.05 -33.01
N ASN G 196 -6.10 -20.93 -32.21
CA ASN G 196 -4.69 -20.81 -31.82
C ASN G 196 -3.83 -21.58 -32.82
N GLU G 197 -3.62 -20.96 -33.98
CA GLU G 197 -2.85 -21.57 -35.06
C GLU G 197 -2.42 -20.46 -36.01
N ALA G 198 -1.88 -20.86 -37.16
CA ALA G 198 -1.46 -19.89 -38.17
C ALA G 198 -2.69 -19.40 -38.94
N ILE G 199 -2.89 -18.09 -38.94
CA ILE G 199 -4.01 -17.46 -39.63
C ILE G 199 -3.48 -16.44 -40.61
N GLY G 200 -4.03 -16.43 -41.82
CA GLY G 200 -3.56 -15.56 -42.88
C GLY G 200 -4.34 -14.25 -42.95
N PHE G 201 -3.98 -13.45 -43.95
CA PHE G 201 -4.61 -12.14 -44.14
C PHE G 201 -5.97 -12.24 -44.83
N GLN G 202 -6.28 -13.38 -45.46
CA GLN G 202 -7.56 -13.50 -46.16
C GLN G 202 -8.76 -13.48 -45.22
N PRO G 203 -8.81 -14.26 -44.15
CA PRO G 203 -10.00 -14.22 -43.27
C PRO G 203 -10.13 -12.88 -42.57
N GLN G 204 -11.23 -12.19 -42.84
CA GLN G 204 -11.49 -10.91 -42.21
C GLN G 204 -11.80 -11.09 -40.73
N LEU G 205 -11.71 -9.99 -39.99
CA LEU G 205 -12.01 -10.03 -38.56
C LEU G 205 -13.50 -10.22 -38.31
N THR G 206 -14.35 -9.78 -39.25
CA THR G 206 -15.79 -9.90 -39.08
C THR G 206 -16.29 -11.33 -39.21
N GLU G 207 -15.44 -12.26 -39.65
CA GLU G 207 -15.87 -13.66 -39.77
C GLU G 207 -15.73 -14.41 -38.45
N PHE G 208 -14.74 -14.05 -37.63
CA PHE G 208 -14.53 -14.68 -36.33
C PHE G 208 -15.41 -14.06 -35.24
N GLN G 209 -16.43 -13.30 -35.60
CA GLN G 209 -17.29 -12.64 -34.63
C GLN G 209 -18.42 -13.57 -34.23
N VAL G 210 -18.64 -13.69 -32.92
CA VAL G 210 -19.72 -14.50 -32.38
C VAL G 210 -20.53 -13.65 -31.42
N SER G 211 -21.78 -14.05 -31.22
CA SER G 211 -22.65 -13.32 -30.30
C SER G 211 -22.16 -13.49 -28.86
N LEU G 212 -22.51 -12.52 -28.02
CA LEU G 212 -22.03 -12.53 -26.64
C LEU G 212 -22.69 -13.64 -25.84
N GLN G 213 -23.97 -13.92 -26.11
CA GLN G 213 -24.65 -14.98 -25.39
C GLN G 213 -24.05 -16.35 -25.69
N ASP G 214 -23.48 -16.53 -26.88
CA ASP G 214 -22.84 -17.79 -27.21
C ASP G 214 -21.45 -17.91 -26.59
N LEU G 215 -20.72 -16.79 -26.47
CA LEU G 215 -19.41 -16.84 -25.83
C LEU G 215 -19.54 -17.10 -24.32
N GLU G 216 -20.59 -16.58 -23.70
CA GLU G 216 -20.79 -16.84 -22.27
C GLU G 216 -21.12 -18.30 -21.99
N LYS G 217 -21.79 -18.97 -22.93
CA LYS G 217 -22.10 -20.38 -22.76
C LYS G 217 -20.92 -21.29 -23.06
N LEU G 218 -19.89 -20.80 -23.75
CA LEU G 218 -18.71 -21.59 -24.06
C LEU G 218 -17.57 -21.38 -23.09
N SER G 219 -17.47 -20.18 -22.49
CA SER G 219 -16.42 -19.90 -21.53
C SER G 219 -16.89 -19.97 -20.09
N GLY G 220 -18.20 -19.88 -19.85
CA GLY G 220 -18.71 -19.88 -18.50
C GLY G 220 -18.45 -18.60 -17.74
N LEU G 221 -18.35 -17.48 -18.44
CA LEU G 221 -18.05 -16.19 -17.84
C LEU G 221 -19.17 -15.21 -18.14
N VAL G 222 -19.28 -14.20 -17.28
CA VAL G 222 -20.24 -13.11 -17.44
C VAL G 222 -19.43 -11.84 -17.59
N PHE G 223 -19.27 -11.37 -18.82
CA PHE G 223 -18.44 -10.20 -19.09
C PHE G 223 -19.20 -8.93 -18.76
N PHE G 224 -18.63 -8.10 -17.88
CA PHE G 224 -19.18 -6.81 -17.47
C PHE G 224 -20.59 -6.97 -16.93
N PRO G 225 -20.75 -7.41 -15.67
CA PRO G 225 -22.10 -7.54 -15.12
C PRO G 225 -22.76 -6.21 -14.81
N HIS G 226 -21.99 -5.18 -14.47
CA HIS G 226 -22.55 -3.87 -14.15
C HIS G 226 -23.15 -3.19 -15.36
N LEU G 227 -22.88 -3.67 -16.57
CA LEU G 227 -23.45 -3.07 -17.77
C LEU G 227 -24.96 -3.25 -17.78
N ASP G 228 -25.67 -2.19 -18.15
CA ASP G 228 -27.12 -2.26 -18.23
C ASP G 228 -27.55 -3.28 -19.28
N ARG G 229 -28.55 -4.09 -18.93
CA ARG G 229 -28.96 -5.18 -19.81
C ARG G 229 -29.65 -4.67 -21.07
N THR G 230 -30.17 -3.45 -21.06
CA THR G 230 -30.80 -2.88 -22.23
C THR G 230 -29.76 -2.54 -23.30
N SER G 231 -30.24 -2.19 -24.48
CA SER G 231 -29.38 -1.87 -25.62
C SER G 231 -30.06 -0.81 -26.46
N ASP G 232 -29.58 0.45 -26.46
CA ASP G 232 -28.46 1.03 -25.67
C ASP G 232 -27.08 0.39 -25.92
N ILE G 233 -26.98 -0.44 -26.95
CA ILE G 233 -25.73 -1.10 -27.32
C ILE G 233 -25.75 -1.34 -28.82
N ARG G 234 -24.69 -0.89 -29.51
CA ARG G 234 -24.54 -1.10 -30.93
C ARG G 234 -23.42 -2.09 -31.20
N ASN G 235 -23.57 -2.84 -32.29
CA ASN G 235 -22.53 -3.79 -32.69
C ASN G 235 -21.31 -3.04 -33.20
N ILE G 236 -20.12 -3.51 -32.80
CA ILE G 236 -18.90 -2.79 -33.12
C ILE G 236 -18.52 -2.94 -34.60
N CYS G 237 -19.04 -3.96 -35.29
CA CYS G 237 -18.75 -4.11 -36.71
C CYS G 237 -19.57 -3.16 -37.57
N SER G 238 -20.73 -2.74 -37.08
CA SER G 238 -21.55 -1.80 -37.84
C SER G 238 -21.12 -0.35 -37.59
N VAL G 239 -20.71 -0.04 -36.35
CA VAL G 239 -20.32 1.32 -36.02
C VAL G 239 -18.92 1.62 -36.55
N ASP G 240 -17.94 0.81 -36.17
CA ASP G 240 -16.57 0.98 -36.62
C ASP G 240 -16.32 0.11 -37.84
N THR G 241 -15.06 0.05 -38.29
CA THR G 241 -14.69 -0.70 -39.48
C THR G 241 -14.44 -2.18 -39.19
N CYS G 242 -13.77 -2.49 -38.08
CA CYS G 242 -13.38 -3.86 -37.74
C CYS G 242 -12.59 -4.51 -38.88
N LYS G 243 -11.67 -3.74 -39.45
CA LYS G 243 -10.82 -4.20 -40.55
C LYS G 243 -9.37 -4.14 -40.08
N LEU G 244 -8.68 -5.27 -40.13
CA LEU G 244 -7.28 -5.34 -39.72
C LEU G 244 -6.40 -4.77 -40.81
N LEU G 245 -5.08 -4.95 -40.67
CA LEU G 245 -4.11 -4.47 -41.64
C LEU G 245 -3.73 -5.59 -42.59
N ASP G 246 -3.80 -5.32 -43.90
CA ASP G 246 -3.42 -6.30 -44.90
C ASP G 246 -1.90 -6.30 -45.05
N PHE G 247 -1.40 -7.00 -46.06
CA PHE G 247 0.04 -7.16 -46.22
C PHE G 247 0.76 -5.85 -46.52
N GLN G 248 0.05 -4.87 -47.09
CA GLN G 248 0.66 -3.58 -47.36
C GLN G 248 1.07 -2.88 -46.06
N GLU G 249 0.10 -2.70 -45.15
CA GLU G 249 0.36 -1.97 -43.92
C GLU G 249 1.07 -2.83 -42.87
N PHE G 250 0.86 -4.15 -42.92
CA PHE G 250 1.53 -5.03 -41.96
C PHE G 250 3.04 -5.04 -42.17
N THR G 251 3.47 -5.23 -43.43
CA THR G 251 4.90 -5.22 -43.73
C THR G 251 5.48 -3.82 -43.59
N LEU G 252 4.68 -2.79 -43.86
CA LEU G 252 5.18 -1.42 -43.76
C LEU G 252 5.42 -1.02 -42.31
N TYR G 253 4.54 -1.44 -41.40
CA TYR G 253 4.72 -1.10 -39.99
C TYR G 253 5.89 -1.86 -39.38
N LEU G 254 6.08 -3.11 -39.80
CA LEU G 254 7.22 -3.88 -39.31
C LEU G 254 8.54 -3.32 -39.84
N SER G 255 8.55 -2.92 -41.12
CA SER G 255 9.74 -2.30 -41.67
C SER G 255 10.01 -0.94 -41.03
N THR G 256 8.96 -0.23 -40.62
CA THR G 256 9.14 1.04 -39.93
C THR G 256 9.71 0.86 -38.53
N ARG G 257 9.56 -0.33 -37.94
CA ARG G 257 10.08 -0.58 -36.60
C ARG G 257 11.45 -1.23 -36.60
N LYS G 258 11.75 -2.06 -37.61
CA LYS G 258 13.09 -2.64 -37.71
C LYS G 258 14.15 -1.58 -37.97
N ILE G 259 13.78 -0.49 -38.65
CA ILE G 259 14.71 0.60 -38.92
C ILE G 259 14.87 1.52 -37.71
N GLU G 260 13.91 1.52 -36.78
CA GLU G 260 14.03 2.38 -35.61
C GLU G 260 15.10 1.89 -34.65
N GLY G 261 15.34 0.58 -34.61
CA GLY G 261 16.34 0.04 -33.70
C GLY G 261 17.75 0.49 -34.07
N ALA G 262 18.04 0.56 -35.36
CA ALA G 262 19.37 0.95 -35.86
C ALA G 262 20.46 0.06 -35.28
N ARG G 263 20.27 -1.24 -35.46
CA ARG G 263 21.19 -2.23 -34.90
C ARG G 263 22.40 -2.50 -35.78
N SER G 264 22.31 -2.23 -37.09
CA SER G 264 23.39 -2.49 -38.02
C SER G 264 23.68 -1.23 -38.83
N VAL G 265 24.64 -1.33 -39.74
CA VAL G 265 25.05 -0.20 -40.58
C VAL G 265 24.48 -0.31 -41.99
N LEU G 266 24.53 -1.50 -42.58
CA LEU G 266 24.07 -1.71 -43.95
C LEU G 266 22.71 -2.40 -44.03
N ARG G 267 22.07 -2.66 -42.89
CA ARG G 267 20.73 -3.23 -42.89
C ARG G 267 19.65 -2.22 -43.24
N LEU G 268 20.04 -0.98 -43.56
CA LEU G 268 19.06 0.06 -43.86
C LEU G 268 18.39 -0.20 -45.22
N GLU G 269 19.19 -0.48 -46.24
CA GLU G 269 18.66 -0.66 -47.59
C GLU G 269 18.16 -2.07 -47.86
N LYS G 270 18.49 -3.03 -47.00
CA LYS G 270 18.07 -4.41 -47.23
C LYS G 270 16.57 -4.58 -47.03
N ILE G 271 15.93 -3.74 -46.22
CA ILE G 271 14.50 -3.86 -45.97
C ILE G 271 13.67 -3.25 -47.09
N MET G 272 14.23 -2.31 -47.85
CA MET G 272 13.44 -1.62 -48.87
C MET G 272 13.25 -2.47 -50.13
N GLU G 273 14.29 -3.17 -50.57
CA GLU G 273 14.20 -3.94 -51.81
C GLU G 273 13.29 -5.15 -51.67
N ASN G 274 12.98 -5.58 -50.45
CA ASN G 274 12.03 -6.68 -50.27
C ASN G 274 10.61 -6.27 -50.60
N LEU G 275 10.32 -4.97 -50.63
CA LEU G 275 8.99 -4.49 -50.92
C LEU G 275 8.68 -4.58 -52.40
N LYS G 276 7.40 -4.76 -52.71
CA LYS G 276 6.92 -4.82 -54.09
C LYS G 276 5.98 -3.68 -54.43
N ASN G 277 5.72 -2.76 -53.50
CA ASN G 277 4.85 -1.62 -53.75
C ASN G 277 5.45 -0.39 -53.06
N ALA G 278 4.82 0.76 -53.28
CA ALA G 278 5.30 2.00 -52.72
C ALA G 278 5.10 2.02 -51.20
N GLU G 279 5.65 3.06 -50.57
CA GLU G 279 5.62 3.22 -49.12
C GLU G 279 4.91 4.52 -48.75
N ILE G 280 4.87 4.82 -47.46
CA ILE G 280 4.13 5.96 -46.93
C ILE G 280 5.13 7.02 -46.48
N GLU G 281 4.64 8.26 -46.37
CA GLU G 281 5.52 9.38 -46.06
C GLU G 281 6.13 9.32 -44.67
N PRO G 282 5.43 8.90 -43.59
CA PRO G 282 6.11 8.77 -42.30
C PRO G 282 7.23 7.73 -42.28
N ASP G 283 7.33 6.88 -43.29
CA ASP G 283 8.42 5.91 -43.37
C ASP G 283 9.62 6.45 -44.12
N ASP G 284 9.42 7.28 -45.14
CA ASP G 284 10.55 7.79 -45.91
C ASP G 284 11.42 8.72 -45.07
N TYR G 285 10.80 9.73 -44.44
CA TYR G 285 11.59 10.69 -43.66
C TYR G 285 12.17 10.04 -42.41
N PHE G 286 11.55 8.98 -41.91
CA PHE G 286 12.11 8.26 -40.77
C PHE G 286 13.39 7.52 -41.14
N MET G 287 13.57 7.19 -42.43
CA MET G 287 14.81 6.57 -42.87
C MET G 287 15.98 7.54 -42.78
N SER G 288 15.77 8.79 -43.22
CA SER G 288 16.84 9.79 -43.22
C SER G 288 17.25 10.20 -41.81
N ARG G 289 16.40 9.96 -40.82
CA ARG G 289 16.77 10.29 -39.44
C ARG G 289 17.80 9.33 -38.87
N TYR G 290 17.97 8.15 -39.49
CA TYR G 290 18.93 7.17 -38.98
C TYR G 290 20.35 7.58 -39.29
N GLU G 291 20.65 7.82 -40.57
CA GLU G 291 21.99 8.21 -40.99
C GLU G 291 22.30 9.64 -40.55
MG MG J . 17.10 -11.70 16.51
MG MG K . 27.50 -25.70 0.31
MG MG L . -8.17 25.05 12.50
NA NA M . -25.53 22.91 23.30
MG MG N . 1.15 -11.35 -27.41
#